data_9DDD
#
_entry.id   9DDD
#
_cell.length_a   66.799
_cell.length_b   73.616
_cell.length_c   76.349
_cell.angle_alpha   91.03
_cell.angle_beta   100.22
_cell.angle_gamma   110.02
#
_symmetry.space_group_name_H-M   'P 1'
#
loop_
_entity.id
_entity.type
_entity.pdbx_description
1 polymer 'Probable cysteine desulfurase'
2 polymer 'Possible nitrogen fixation related protein'
3 non-polymer ALANINE
4 non-polymer 'ZINC ION'
5 water water
#
loop_
_entity_poly.entity_id
_entity_poly.type
_entity_poly.pdbx_seq_one_letter_code
_entity_poly.pdbx_strand_id
1 'polypeptide(L)'
;MTASVNSLDLAAIRADFPILKRIMRGGNPLAYLDSGATSQRPLQVLDAEREFLTASNGAVHRGAHQLMEEATDAYEQGRA
DIALFVGADTDELVFTKNATEALNLVSYVLGDSRFERAVGPGDVIVTTELEHHANLIPWQELARRTGATLRWYGVTDDGR
IDLDSLYLDDRVKVVAFTHHSNVTGVLTPVSELVSRAHQSGALTVLDACQSVPHQPVDLHELGVDFAAFSGH(LLP)MLG
PNGIGVLYGRRELLAQMPPFLTGGSMIETVTMEGATYAPAPQRFEAGTPMTSQVVGLAAAARYLGAIGMAAVEAHERELV
AAAIEGLSGIDGVRILGPTSMRDRGSPVAFVVEGVHAHDVGQVLDDGGVAVRVGHH(CSS)ALPLHRRFGLAATARASFA
VYNTADEVDRLVAGVRRSRHFFGRA
;
A,B
2 'polypeptide(L)'
;VTLRLEQIYQDVILDHYKHPQHRGLREPFGAQVYHVNPICGDEVTLRVALSEDGTRVTDVSYDGQGCSISQAATSVLTEQ
VIGQRVPRALNIVDAFTEMVSSRGTVPGDEDVLGDGVAFAGVAKYPARVKCALLGWMAFKDALAQASEAFEEVTDERNQR
TG
;
C,D
#
# COMPACT_ATOMS: atom_id res chain seq x y z
N ASP A 9 -6.75 25.87 21.01
CA ASP A 9 -8.13 25.73 21.54
C ASP A 9 -8.56 24.26 21.46
N LEU A 10 -8.57 23.60 22.62
CA LEU A 10 -8.65 22.15 22.70
C LEU A 10 -10.08 21.68 22.46
N ALA A 11 -11.07 22.42 22.97
CA ALA A 11 -12.48 22.11 22.77
C ALA A 11 -12.84 22.17 21.28
N ALA A 12 -12.26 23.14 20.56
CA ALA A 12 -12.51 23.30 19.13
C ALA A 12 -11.81 22.21 18.32
N ILE A 13 -10.60 21.81 18.77
CA ILE A 13 -9.87 20.72 18.15
C ILE A 13 -10.66 19.42 18.29
N ARG A 14 -11.11 19.11 19.52
CA ARG A 14 -11.83 17.88 19.80
C ARG A 14 -13.15 17.81 19.03
N ALA A 15 -13.79 18.98 18.80
CA ALA A 15 -15.05 19.02 18.07
C ALA A 15 -14.87 18.61 16.60
N ASP A 16 -13.62 18.58 16.11
CA ASP A 16 -13.34 18.17 14.74
C ASP A 16 -13.36 16.65 14.58
N PHE A 17 -13.29 15.88 15.68
CA PHE A 17 -13.14 14.43 15.61
C PHE A 17 -14.42 13.72 16.06
N PRO A 18 -15.28 13.22 15.14
CA PRO A 18 -16.54 12.58 15.54
C PRO A 18 -16.42 11.41 16.51
N ILE A 19 -15.32 10.63 16.43
CA ILE A 19 -15.22 9.41 17.22
C ILE A 19 -15.07 9.74 18.70
N LEU A 20 -14.58 10.95 19.03
CA LEU A 20 -14.30 11.32 20.40
C LEU A 20 -15.58 11.51 21.22
N LYS A 21 -16.74 11.55 20.55
CA LYS A 21 -18.04 11.64 21.21
C LYS A 21 -18.56 10.27 21.62
N ARG A 22 -17.88 9.20 21.17
CA ARG A 22 -18.46 7.88 21.31
C ARG A 22 -18.49 7.45 22.78
N ILE A 23 -19.62 6.83 23.17
CA ILE A 23 -19.78 6.24 24.49
C ILE A 23 -19.46 4.76 24.39
N MET A 24 -18.58 4.27 25.27
CA MET A 24 -18.04 2.93 25.16
C MET A 24 -18.95 1.97 25.94
N ARG A 25 -18.66 0.66 25.87
CA ARG A 25 -19.60 -0.35 26.33
C ARG A 25 -19.84 -0.24 27.85
N GLY A 26 -18.89 0.33 28.59
CA GLY A 26 -19.03 0.51 30.03
C GLY A 26 -19.82 1.74 30.45
N GLY A 27 -20.32 2.54 29.48
CA GLY A 27 -21.08 3.74 29.78
C GLY A 27 -20.19 4.99 29.87
N ASN A 28 -18.88 4.81 29.77
CA ASN A 28 -17.92 5.90 29.86
C ASN A 28 -17.59 6.42 28.46
N PRO A 29 -17.43 7.76 28.28
CA PRO A 29 -16.95 8.30 27.01
C PRO A 29 -15.52 7.84 26.73
N LEU A 30 -15.24 7.67 25.42
CA LEU A 30 -13.93 7.23 24.96
C LEU A 30 -12.87 8.19 25.47
N ALA A 31 -11.83 7.63 26.11
CA ALA A 31 -10.57 8.33 26.33
C ALA A 31 -9.50 7.58 25.53
N TYR A 32 -9.20 8.08 24.34
CA TYR A 32 -8.36 7.35 23.41
C TYR A 32 -6.90 7.72 23.63
N LEU A 33 -6.18 6.85 24.36
CA LEU A 33 -4.76 7.04 24.61
C LEU A 33 -3.94 6.00 23.84
N ASP A 34 -4.28 5.75 22.57
CA ASP A 34 -3.55 4.78 21.76
C ASP A 34 -3.27 5.34 20.35
N SER A 35 -3.12 6.67 20.25
CA SER A 35 -2.73 7.33 19.01
C SER A 35 -1.36 6.86 18.50
N GLY A 36 -0.53 6.29 19.40
CA GLY A 36 0.74 5.71 19.00
C GLY A 36 0.55 4.53 18.02
N ALA A 37 -0.56 3.80 18.16
CA ALA A 37 -0.89 2.69 17.27
C ALA A 37 -1.56 3.21 16.00
N THR A 38 -2.56 4.08 16.18
CA THR A 38 -3.25 4.73 15.07
C THR A 38 -4.02 5.93 15.62
N SER A 39 -3.96 7.06 14.91
CA SER A 39 -4.61 8.28 15.35
C SER A 39 -6.03 8.33 14.79
N GLN A 40 -6.86 9.21 15.37
CA GLN A 40 -8.21 9.44 14.89
C GLN A 40 -8.20 10.55 13.84
N ARG A 41 -9.33 10.69 13.12
CA ARG A 41 -9.41 11.50 11.91
C ARG A 41 -10.33 12.70 12.15
N PRO A 42 -9.89 13.94 11.84
CA PRO A 42 -10.77 15.09 11.87
C PRO A 42 -11.63 15.18 10.59
N LEU A 43 -12.78 15.85 10.71
CA LEU A 43 -13.69 16.06 9.59
C LEU A 43 -12.95 16.63 8.39
N GLN A 44 -11.94 17.48 8.64
CA GLN A 44 -11.23 18.17 7.58
C GLN A 44 -10.55 17.14 6.66
N VAL A 45 -10.04 16.06 7.25
CA VAL A 45 -9.35 15.03 6.50
C VAL A 45 -10.36 14.14 5.79
N LEU A 46 -11.41 13.71 6.51
CA LEU A 46 -12.48 12.88 5.98
C LEU A 46 -13.15 13.58 4.80
N ASP A 47 -13.37 14.89 4.94
CA ASP A 47 -14.07 15.68 3.94
C ASP A 47 -13.20 15.95 2.71
N ALA A 48 -11.90 16.24 2.89
CA ALA A 48 -11.02 16.46 1.76
C ALA A 48 -11.02 15.25 0.82
N GLU A 49 -10.94 14.05 1.40
CA GLU A 49 -10.88 12.82 0.63
C GLU A 49 -12.22 12.56 -0.08
N ARG A 50 -13.31 12.72 0.65
CA ARG A 50 -14.64 12.46 0.11
C ARG A 50 -14.98 13.46 -1.00
N GLU A 51 -14.58 14.72 -0.83
CA GLU A 51 -14.80 15.76 -1.84
C GLU A 51 -14.01 15.45 -3.11
N PHE A 52 -12.76 14.99 -2.95
CA PHE A 52 -11.96 14.55 -4.10
C PHE A 52 -12.64 13.39 -4.83
N LEU A 53 -13.13 12.40 -4.08
CA LEU A 53 -13.66 11.19 -4.68
C LEU A 53 -14.98 11.45 -5.42
N THR A 54 -15.79 12.39 -4.93
CA THR A 54 -17.09 12.65 -5.55
C THR A 54 -17.01 13.71 -6.64
N ALA A 55 -15.83 14.32 -6.87
CA ALA A 55 -15.72 15.41 -7.83
C ALA A 55 -14.66 15.15 -8.91
N SER A 56 -13.46 14.69 -8.51
CA SER A 56 -12.28 14.78 -9.36
C SER A 56 -11.57 13.43 -9.54
N ASN A 57 -12.25 12.31 -9.25
CA ASN A 57 -11.62 11.00 -9.26
C ASN A 57 -11.37 10.53 -10.70
N GLY A 58 -10.09 10.46 -11.04
CA GLY A 58 -9.63 9.98 -12.34
C GLY A 58 -8.21 9.46 -12.19
N ALA A 59 -7.69 8.81 -13.24
CA ALA A 59 -6.35 8.25 -13.18
C ALA A 59 -5.31 9.37 -13.20
N VAL A 60 -4.17 9.18 -12.52
CA VAL A 60 -3.14 10.20 -12.42
C VAL A 60 -2.04 9.91 -13.44
N HIS A 61 -1.46 10.97 -14.01
CA HIS A 61 -0.32 10.86 -14.92
C HIS A 61 -0.67 10.06 -16.16
N ARG A 62 -1.91 10.21 -16.63
CA ARG A 62 -2.36 9.60 -17.87
C ARG A 62 -2.88 10.71 -18.78
N GLY A 63 -3.23 10.33 -20.02
CA GLY A 63 -3.76 11.27 -20.99
C GLY A 63 -5.17 10.90 -21.40
N ALA A 64 -6.05 11.90 -21.57
CA ALA A 64 -5.74 13.31 -21.29
C ALA A 64 -7.02 14.07 -20.94
N HIS A 65 -7.99 13.38 -20.35
CA HIS A 65 -9.28 13.98 -20.08
C HIS A 65 -9.23 14.79 -18.79
N GLN A 66 -10.30 15.54 -18.52
CA GLN A 66 -10.32 16.55 -17.49
C GLN A 66 -10.13 15.97 -16.09
N LEU A 67 -10.78 14.81 -15.81
CA LEU A 67 -10.70 14.20 -14.49
C LEU A 67 -9.26 13.77 -14.21
N MET A 68 -8.56 13.30 -15.25
CA MET A 68 -7.15 12.96 -15.14
C MET A 68 -6.32 14.16 -14.72
N GLU A 69 -6.61 15.32 -15.31
CA GLU A 69 -5.86 16.55 -15.02
C GLU A 69 -6.08 16.98 -13.57
N GLU A 70 -7.34 16.94 -13.11
CA GLU A 70 -7.68 17.34 -11.75
C GLU A 70 -7.09 16.36 -10.72
N ALA A 71 -7.18 15.06 -11.00
CA ALA A 71 -6.58 14.04 -10.14
C ALA A 71 -5.06 14.26 -10.03
N THR A 72 -4.40 14.53 -11.16
CA THR A 72 -2.95 14.68 -11.16
C THR A 72 -2.55 15.89 -10.33
N ASP A 73 -3.26 17.00 -10.52
CA ASP A 73 -3.04 18.20 -9.73
C ASP A 73 -3.18 17.93 -8.24
N ALA A 74 -4.23 17.21 -7.84
CA ALA A 74 -4.49 16.94 -6.44
C ALA A 74 -3.36 16.07 -5.86
N TYR A 75 -2.90 15.10 -6.65
CA TYR A 75 -1.84 14.18 -6.28
C TYR A 75 -0.53 14.93 -6.06
N GLU A 76 -0.14 15.78 -7.04
CA GLU A 76 1.18 16.41 -7.00
C GLU A 76 1.17 17.59 -6.03
N GLN A 77 0.03 18.27 -5.88
CA GLN A 77 -0.09 19.32 -4.87
C GLN A 77 -0.06 18.69 -3.48
N GLY A 78 -0.66 17.49 -3.33
CA GLY A 78 -0.62 16.77 -2.07
C GLY A 78 0.82 16.44 -1.65
N ARG A 79 1.61 15.93 -2.62
CA ARG A 79 3.00 15.60 -2.39
C ARG A 79 3.76 16.85 -1.93
N ALA A 80 3.45 17.98 -2.58
CA ALA A 80 4.11 19.24 -2.28
C ALA A 80 3.76 19.73 -0.88
N ASP A 81 2.48 19.62 -0.48
CA ASP A 81 2.04 20.03 0.85
C ASP A 81 2.70 19.19 1.94
N ILE A 82 2.83 17.88 1.70
CA ILE A 82 3.42 16.98 2.68
C ILE A 82 4.92 17.27 2.78
N ALA A 83 5.59 17.55 1.63
CA ALA A 83 7.01 17.82 1.63
C ALA A 83 7.31 19.09 2.42
N LEU A 84 6.48 20.13 2.24
CA LEU A 84 6.64 21.37 2.98
C LEU A 84 6.56 21.10 4.48
N PHE A 85 5.61 20.25 4.89
CA PHE A 85 5.38 19.98 6.30
C PHE A 85 6.60 19.35 6.96
N VAL A 86 7.31 18.44 6.26
CA VAL A 86 8.42 17.70 6.84
C VAL A 86 9.76 18.24 6.36
N GLY A 87 9.76 19.40 5.70
CA GLY A 87 11.01 20.05 5.31
C GLY A 87 11.81 19.28 4.27
N ALA A 88 11.11 18.73 3.27
CA ALA A 88 11.78 18.08 2.15
C ALA A 88 11.39 18.79 0.86
N ASP A 89 12.11 18.50 -0.23
CA ASP A 89 11.64 18.89 -1.55
C ASP A 89 10.59 17.89 -2.02
N THR A 90 9.71 18.35 -2.92
CA THR A 90 8.60 17.57 -3.42
C THR A 90 9.08 16.25 -4.03
N ASP A 91 10.18 16.30 -4.79
CA ASP A 91 10.68 15.15 -5.53
C ASP A 91 11.40 14.14 -4.63
N GLU A 92 11.54 14.44 -3.34
CA GLU A 92 12.29 13.58 -2.42
C GLU A 92 11.36 12.67 -1.60
N LEU A 93 10.04 12.73 -1.84
CA LEU A 93 9.08 11.87 -1.17
C LEU A 93 8.55 10.81 -2.12
N VAL A 94 8.53 9.57 -1.61
CA VAL A 94 7.93 8.42 -2.28
C VAL A 94 6.79 7.90 -1.40
N PHE A 95 5.64 7.65 -2.04
CA PHE A 95 4.50 7.09 -1.34
C PHE A 95 4.51 5.55 -1.37
N THR A 96 4.22 4.97 -0.20
CA THR A 96 4.19 3.54 0.04
C THR A 96 2.88 3.24 0.76
N LYS A 97 2.59 1.97 1.09
CA LYS A 97 1.35 1.63 1.77
C LYS A 97 1.42 2.01 3.24
N ASN A 98 2.65 2.04 3.81
CA ASN A 98 2.88 2.33 5.22
C ASN A 98 4.39 2.54 5.42
N ALA A 99 4.77 3.00 6.62
CA ALA A 99 6.16 3.27 6.93
C ALA A 99 7.00 1.98 6.83
N THR A 100 6.41 0.85 7.21
CA THR A 100 7.09 -0.42 7.15
C THR A 100 7.56 -0.68 5.72
N GLU A 101 6.70 -0.42 4.74
CA GLU A 101 7.06 -0.68 3.35
C GLU A 101 8.20 0.24 2.93
N ALA A 102 8.21 1.49 3.43
CA ALA A 102 9.26 2.45 3.12
C ALA A 102 10.62 1.95 3.62
N LEU A 103 10.66 1.41 4.83
CA LEU A 103 11.89 0.87 5.38
C LEU A 103 12.34 -0.36 4.60
N ASN A 104 11.38 -1.21 4.19
CA ASN A 104 11.65 -2.37 3.35
C ASN A 104 12.23 -1.95 2.00
N LEU A 105 11.68 -0.89 1.39
CA LEU A 105 12.16 -0.39 0.10
C LEU A 105 13.67 -0.13 0.19
N VAL A 106 14.09 0.63 1.21
CA VAL A 106 15.49 0.98 1.39
C VAL A 106 16.33 -0.31 1.55
N SER A 107 15.82 -1.25 2.34
CA SER A 107 16.55 -2.47 2.68
C SER A 107 16.71 -3.39 1.46
N TYR A 108 15.76 -3.36 0.52
CA TYR A 108 15.88 -4.15 -0.71
C TYR A 108 16.81 -3.47 -1.69
N VAL A 109 16.72 -2.14 -1.83
CA VAL A 109 17.58 -1.43 -2.77
C VAL A 109 19.04 -1.57 -2.33
N LEU A 110 19.29 -1.60 -1.03
CA LEU A 110 20.64 -1.71 -0.50
C LEU A 110 21.26 -3.10 -0.74
N GLY A 111 20.48 -4.07 -1.20
CA GLY A 111 21.02 -5.34 -1.63
C GLY A 111 21.00 -5.54 -3.14
N ASP A 112 20.75 -4.48 -3.91
CA ASP A 112 20.60 -4.57 -5.36
C ASP A 112 21.97 -4.29 -6.02
N SER A 113 22.39 -5.19 -6.93
CA SER A 113 23.70 -5.10 -7.56
C SER A 113 23.85 -3.80 -8.36
N ARG A 114 22.73 -3.23 -8.83
CA ARG A 114 22.80 -2.02 -9.66
C ARG A 114 23.00 -0.77 -8.81
N PHE A 115 22.88 -0.87 -7.48
CA PHE A 115 23.10 0.27 -6.60
C PHE A 115 24.57 0.31 -6.17
N GLU A 116 25.22 1.47 -6.35
CA GLU A 116 26.65 1.58 -6.09
C GLU A 116 26.95 1.45 -4.60
N ARG A 117 25.96 1.78 -3.75
CA ARG A 117 26.12 1.73 -2.29
C ARG A 117 25.59 0.42 -1.70
N ALA A 118 25.38 -0.60 -2.54
CA ALA A 118 24.83 -1.88 -2.09
C ALA A 118 25.77 -2.54 -1.09
N VAL A 119 25.19 -3.33 -0.17
CA VAL A 119 25.98 -3.96 0.88
C VAL A 119 26.24 -5.41 0.48
N GLY A 120 27.37 -5.94 0.95
CA GLY A 120 27.76 -7.32 0.66
C GLY A 120 28.59 -7.91 1.79
N PRO A 121 29.24 -9.08 1.56
CA PRO A 121 30.07 -9.70 2.58
C PRO A 121 31.14 -8.72 3.08
N GLY A 122 31.32 -8.66 4.40
CA GLY A 122 32.30 -7.77 5.01
C GLY A 122 31.69 -6.43 5.45
N ASP A 123 30.53 -6.09 4.89
CA ASP A 123 29.86 -4.84 5.27
C ASP A 123 29.04 -5.08 6.53
N VAL A 124 28.86 -4.01 7.30
CA VAL A 124 28.10 -4.09 8.54
C VAL A 124 26.91 -3.14 8.42
N ILE A 125 25.75 -3.63 8.83
CA ILE A 125 24.53 -2.85 9.02
C ILE A 125 24.37 -2.63 10.51
N VAL A 126 24.05 -1.38 10.92
CA VAL A 126 23.84 -1.07 12.33
C VAL A 126 22.38 -0.65 12.53
N THR A 127 21.72 -1.25 13.52
CA THR A 127 20.41 -0.79 14.00
C THR A 127 20.51 -0.60 15.51
N THR A 128 19.37 -0.55 16.21
CA THR A 128 19.39 -0.41 17.66
C THR A 128 18.43 -1.38 18.30
N GLU A 129 18.67 -1.62 19.60
CA GLU A 129 17.86 -2.52 20.41
C GLU A 129 16.58 -1.82 20.85
N LEU A 130 16.51 -0.50 20.60
CA LEU A 130 15.35 0.31 20.91
C LEU A 130 14.25 0.21 19.83
N GLU A 131 14.60 -0.37 18.67
CA GLU A 131 13.79 -0.23 17.47
C GLU A 131 12.50 -1.03 17.53
N HIS A 132 11.46 -0.42 16.93
CA HIS A 132 10.30 -1.13 16.44
C HIS A 132 10.76 -2.15 15.40
N HIS A 133 10.03 -3.27 15.30
CA HIS A 133 10.40 -4.38 14.42
C HIS A 133 10.53 -3.94 12.96
N ALA A 134 9.79 -2.91 12.54
CA ALA A 134 9.85 -2.42 11.16
C ALA A 134 11.25 -1.90 10.84
N ASN A 135 11.99 -1.43 11.85
CA ASN A 135 13.35 -0.95 11.64
C ASN A 135 14.36 -1.96 12.18
N LEU A 136 13.98 -3.25 12.19
CA LEU A 136 14.86 -4.32 12.61
C LEU A 136 14.81 -5.49 11.63
N ILE A 137 13.62 -6.02 11.34
CA ILE A 137 13.51 -7.25 10.59
C ILE A 137 14.02 -7.04 9.16
N PRO A 138 13.73 -5.90 8.47
CA PRO A 138 14.27 -5.68 7.13
C PRO A 138 15.81 -5.75 7.07
N TRP A 139 16.47 -5.33 8.16
CA TRP A 139 17.93 -5.35 8.21
C TRP A 139 18.43 -6.77 8.42
N GLN A 140 17.71 -7.56 9.22
CA GLN A 140 18.00 -8.99 9.38
C GLN A 140 17.92 -9.68 8.02
N GLU A 141 16.90 -9.36 7.23
CA GLU A 141 16.69 -9.97 5.93
C GLU A 141 17.74 -9.50 4.92
N LEU A 142 18.11 -8.21 4.96
CA LEU A 142 19.15 -7.70 4.08
C LEU A 142 20.48 -8.41 4.33
N ALA A 143 20.82 -8.61 5.60
CA ALA A 143 22.00 -9.36 6.00
C ALA A 143 21.93 -10.80 5.51
N ARG A 144 20.74 -11.44 5.64
CA ARG A 144 20.56 -12.81 5.18
C ARG A 144 20.84 -12.90 3.68
N ARG A 145 20.22 -12.00 2.90
CA ARG A 145 20.28 -12.08 1.45
C ARG A 145 21.69 -11.81 0.93
N THR A 146 22.45 -10.92 1.58
CA THR A 146 23.67 -10.38 0.99
C THR A 146 24.94 -10.94 1.64
N GLY A 147 24.82 -11.50 2.84
CA GLY A 147 25.98 -11.97 3.58
C GLY A 147 26.64 -10.86 4.42
N ALA A 148 26.00 -9.68 4.48
CA ALA A 148 26.47 -8.63 5.37
C ALA A 148 26.14 -9.00 6.81
N THR A 149 26.76 -8.28 7.76
CA THR A 149 26.64 -8.53 9.18
C THR A 149 25.76 -7.46 9.83
N LEU A 150 24.90 -7.87 10.77
CA LEU A 150 24.08 -6.93 11.54
C LEU A 150 24.69 -6.72 12.94
N ARG A 151 24.84 -5.45 13.32
CA ARG A 151 25.23 -5.08 14.69
C ARG A 151 24.23 -4.03 15.17
N TRP A 152 24.34 -3.63 16.44
CA TRP A 152 23.34 -2.75 17.02
C TRP A 152 23.90 -2.03 18.23
N TYR A 153 23.40 -0.80 18.42
CA TYR A 153 23.55 -0.09 19.67
C TYR A 153 22.62 -0.68 20.72
N GLY A 154 23.13 -0.76 21.95
CA GLY A 154 22.32 -1.16 23.09
C GLY A 154 21.45 -0.02 23.60
N VAL A 155 20.75 -0.30 24.70
CA VAL A 155 19.86 0.65 25.34
C VAL A 155 20.37 0.92 26.76
N THR A 156 20.30 2.18 27.19
CA THR A 156 20.64 2.55 28.56
C THR A 156 19.52 2.11 29.49
N ASP A 157 19.73 2.29 30.79
CA ASP A 157 18.76 1.89 31.81
C ASP A 157 17.53 2.79 31.77
N ASP A 158 17.66 4.02 31.26
CA ASP A 158 16.52 4.93 31.15
C ASP A 158 15.91 4.86 29.75
N GLY A 159 16.25 3.83 28.95
CA GLY A 159 15.54 3.56 27.70
C GLY A 159 16.00 4.42 26.52
N ARG A 160 17.26 4.89 26.56
CA ARG A 160 17.83 5.70 25.49
C ARG A 160 18.85 4.88 24.71
N ILE A 161 19.19 5.32 23.49
CA ILE A 161 20.23 4.66 22.73
C ILE A 161 21.55 4.83 23.49
N ASP A 162 22.28 3.73 23.68
CA ASP A 162 23.53 3.75 24.42
C ASP A 162 24.68 3.97 23.43
N LEU A 163 25.07 5.25 23.28
CA LEU A 163 26.07 5.62 22.29
C LEU A 163 27.44 5.02 22.62
N ASP A 164 27.64 4.53 23.85
CA ASP A 164 28.91 3.97 24.27
C ASP A 164 28.97 2.45 24.05
N SER A 165 27.86 1.84 23.61
CA SER A 165 27.76 0.39 23.49
C SER A 165 28.30 -0.12 22.16
N LEU A 166 28.72 0.77 21.26
CA LEU A 166 29.17 0.34 19.95
C LEU A 166 30.10 1.38 19.36
N TYR A 167 31.23 0.89 18.81
CA TYR A 167 32.13 1.71 18.03
CA TYR A 167 32.13 1.71 18.02
C TYR A 167 31.95 1.36 16.55
N LEU A 168 31.71 2.39 15.72
CA LEU A 168 31.61 2.20 14.29
C LEU A 168 33.02 2.15 13.72
N ASP A 169 33.20 1.30 12.70
CA ASP A 169 34.45 1.19 11.96
C ASP A 169 34.12 1.40 10.47
N ASP A 170 35.10 1.20 9.60
CA ASP A 170 34.96 1.52 8.19
C ASP A 170 34.10 0.48 7.46
N ARG A 171 33.77 -0.63 8.13
CA ARG A 171 32.91 -1.67 7.54
C ARG A 171 31.44 -1.25 7.55
N VAL A 172 31.08 -0.29 8.41
CA VAL A 172 29.68 0.07 8.62
C VAL A 172 29.19 0.87 7.41
N LYS A 173 28.15 0.36 6.74
CA LYS A 173 27.64 0.98 5.51
C LYS A 173 26.25 1.57 5.70
N VAL A 174 25.51 1.11 6.72
CA VAL A 174 24.16 1.56 7.00
C VAL A 174 24.02 1.71 8.51
N VAL A 175 23.42 2.82 8.94
CA VAL A 175 23.06 3.02 10.33
C VAL A 175 21.58 3.42 10.39
N ALA A 176 20.74 2.53 10.93
CA ALA A 176 19.30 2.78 11.02
C ALA A 176 18.91 2.95 12.49
N PHE A 177 18.02 3.91 12.76
CA PHE A 177 17.66 4.24 14.13
C PHE A 177 16.38 5.06 14.17
N THR A 178 15.71 4.99 15.32
CA THR A 178 14.48 5.71 15.56
C THR A 178 14.79 7.17 15.91
N HIS A 179 13.89 8.06 15.50
CA HIS A 179 13.92 9.47 15.85
C HIS A 179 13.32 9.66 17.24
N HIS A 180 12.33 8.81 17.55
CA HIS A 180 11.45 8.98 18.68
C HIS A 180 10.86 7.60 19.00
N SER A 181 11.21 7.05 20.16
CA SER A 181 10.77 5.71 20.53
C SER A 181 9.26 5.66 20.70
N ASN A 182 8.67 4.56 20.18
CA ASN A 182 7.24 4.28 20.32
C ASN A 182 6.94 3.61 21.65
N VAL A 183 7.95 3.45 22.53
CA VAL A 183 7.75 2.86 23.83
C VAL A 183 8.31 3.78 24.92
N THR A 184 9.60 4.16 24.82
CA THR A 184 10.25 4.89 25.90
C THR A 184 10.02 6.39 25.75
N GLY A 185 9.54 6.81 24.57
CA GLY A 185 9.24 8.21 24.28
C GLY A 185 10.48 9.09 24.08
N VAL A 186 11.67 8.48 23.99
CA VAL A 186 12.91 9.25 23.95
C VAL A 186 13.09 9.85 22.56
N LEU A 187 13.59 11.09 22.53
CA LEU A 187 14.02 11.78 21.33
C LEU A 187 15.52 11.56 21.17
N THR A 188 15.92 10.92 20.05
CA THR A 188 17.27 10.41 19.92
C THR A 188 18.22 11.51 19.41
N PRO A 189 19.54 11.39 19.65
CA PRO A 189 20.51 12.41 19.23
C PRO A 189 20.91 12.26 17.77
N VAL A 190 20.03 12.73 16.87
CA VAL A 190 20.18 12.49 15.44
C VAL A 190 21.52 13.01 14.95
N SER A 191 21.86 14.27 15.30
CA SER A 191 23.05 14.91 14.75
C SER A 191 24.33 14.15 15.11
N GLU A 192 24.39 13.59 16.33
CA GLU A 192 25.53 12.79 16.75
C GLU A 192 25.62 11.50 15.93
N LEU A 193 24.49 10.79 15.78
CA LEU A 193 24.47 9.53 15.05
C LEU A 193 24.82 9.76 13.58
N VAL A 194 24.38 10.88 13.00
CA VAL A 194 24.70 11.22 11.62
C VAL A 194 26.19 11.53 11.49
N SER A 195 26.72 12.35 12.41
CA SER A 195 28.15 12.62 12.48
C SER A 195 28.96 11.31 12.51
N ARG A 196 28.62 10.38 13.41
CA ARG A 196 29.35 9.13 13.53
C ARG A 196 29.20 8.26 12.28
N ALA A 197 27.98 8.19 11.72
CA ALA A 197 27.75 7.44 10.50
C ALA A 197 28.68 7.93 9.39
N HIS A 198 28.82 9.25 9.26
CA HIS A 198 29.60 9.86 8.19
C HIS A 198 31.09 9.56 8.30
N GLN A 199 31.57 9.20 9.49
CA GLN A 199 32.98 8.86 9.68
C GLN A 199 33.35 7.58 8.92
N SER A 200 32.38 6.70 8.62
CA SER A 200 32.65 5.50 7.84
C SER A 200 31.98 5.54 6.47
N GLY A 201 31.43 6.70 6.10
CA GLY A 201 30.71 6.85 4.85
C GLY A 201 29.39 6.07 4.80
N ALA A 202 28.77 5.85 5.97
CA ALA A 202 27.56 5.05 6.05
C ALA A 202 26.33 5.89 5.73
N LEU A 203 25.30 5.24 5.15
CA LEU A 203 24.00 5.86 4.96
C LEU A 203 23.22 5.81 6.28
N THR A 204 22.41 6.86 6.50
CA THR A 204 21.56 6.95 7.67
C THR A 204 20.11 6.74 7.24
N VAL A 205 19.36 5.96 8.04
CA VAL A 205 17.96 5.66 7.81
C VAL A 205 17.20 5.95 9.11
N LEU A 206 16.31 6.94 9.09
CA LEU A 206 15.63 7.42 10.28
C LEU A 206 14.18 6.90 10.32
N ASP A 207 13.82 6.19 11.38
CA ASP A 207 12.42 5.86 11.60
C ASP A 207 11.73 7.05 12.27
N ALA A 208 10.90 7.78 11.53
CA ALA A 208 10.30 9.02 12.02
C ALA A 208 8.80 8.90 12.25
N CYS A 209 8.29 7.67 12.44
CA CYS A 209 6.85 7.45 12.55
C CYS A 209 6.25 8.16 13.76
N GLN A 210 7.01 8.29 14.85
CA GLN A 210 6.49 8.90 16.07
C GLN A 210 6.93 10.36 16.21
N SER A 211 7.81 10.88 15.34
CA SER A 211 8.22 12.28 15.42
C SER A 211 7.31 13.16 14.54
N VAL A 212 7.07 12.73 13.29
CA VAL A 212 6.33 13.57 12.36
C VAL A 212 4.96 13.95 12.94
N PRO A 213 4.23 13.07 13.66
CA PRO A 213 2.95 13.47 14.25
C PRO A 213 3.00 14.37 15.49
N HIS A 214 4.17 14.43 16.18
CA HIS A 214 4.24 14.89 17.56
C HIS A 214 5.17 16.10 17.76
N GLN A 215 6.01 16.44 16.77
CA GLN A 215 7.00 17.49 16.92
C GLN A 215 7.37 18.07 15.56
N PRO A 216 7.95 19.30 15.50
CA PRO A 216 8.46 19.84 14.23
C PRO A 216 9.54 18.93 13.65
N VAL A 217 9.40 18.62 12.36
CA VAL A 217 10.38 17.77 11.69
C VAL A 217 10.82 18.50 10.42
N ASP A 218 12.14 18.68 10.30
CA ASP A 218 12.79 19.24 9.13
C ASP A 218 13.86 18.25 8.67
N LEU A 219 13.54 17.46 7.62
CA LEU A 219 14.37 16.34 7.21
C LEU A 219 15.68 16.79 6.58
N HIS A 220 15.67 17.92 5.85
CA HIS A 220 16.89 18.54 5.37
C HIS A 220 17.82 18.89 6.55
N GLU A 221 17.27 19.51 7.58
CA GLU A 221 18.05 19.95 8.74
C GLU A 221 18.64 18.76 9.49
N LEU A 222 17.88 17.66 9.58
CA LEU A 222 18.32 16.46 10.28
C LEU A 222 19.50 15.81 9.54
N GLY A 223 19.59 16.00 8.22
CA GLY A 223 20.77 15.58 7.47
C GLY A 223 20.83 14.07 7.23
N VAL A 224 19.71 13.36 7.47
CA VAL A 224 19.66 11.93 7.26
C VAL A 224 19.50 11.66 5.77
N ASP A 225 19.90 10.46 5.34
CA ASP A 225 19.81 10.07 3.95
C ASP A 225 18.39 9.61 3.61
N PHE A 226 17.78 8.83 4.50
CA PHE A 226 16.43 8.32 4.32
C PHE A 226 15.62 8.52 5.62
N ALA A 227 14.30 8.67 5.47
CA ALA A 227 13.39 8.68 6.61
C ALA A 227 12.05 8.07 6.18
N ALA A 228 11.37 7.43 7.14
CA ALA A 228 10.07 6.82 6.91
C ALA A 228 9.08 7.33 7.96
N PHE A 229 7.84 7.58 7.54
CA PHE A 229 6.76 7.89 8.46
C PHE A 229 5.43 7.40 7.88
N SER A 230 4.39 7.36 8.73
CA SER A 230 3.11 6.85 8.29
C SER A 230 1.99 7.87 8.53
N GLY A 231 1.04 7.88 7.58
CA GLY A 231 -0.05 8.85 7.54
C GLY A 231 -1.06 8.65 8.68
N HIS A 232 -1.37 7.39 9.01
CA HIS A 232 -2.48 7.09 9.90
C HIS A 232 -2.14 7.45 11.36
N MET A 234 -0.55 10.52 11.91
CA MET A 234 -0.61 11.98 11.93
C MET A 234 -1.94 12.50 11.36
N LEU A 235 -3.05 11.87 11.78
CA LEU A 235 -4.42 12.31 11.52
C LEU A 235 -4.80 11.98 10.09
N GLY A 236 -3.93 11.27 9.35
CA GLY A 236 -4.18 11.00 7.96
C GLY A 236 -4.81 9.63 7.73
N PRO A 237 -5.11 9.29 6.45
CA PRO A 237 -5.76 8.02 6.11
C PRO A 237 -4.82 6.84 6.30
N ASN A 238 -5.41 5.64 6.43
CA ASN A 238 -4.70 4.38 6.30
C ASN A 238 -4.26 4.20 4.86
N GLY A 239 -3.27 3.30 4.68
CA GLY A 239 -2.84 2.90 3.36
C GLY A 239 -1.87 3.88 2.69
N ILE A 240 -1.31 4.82 3.46
CA ILE A 240 -0.30 5.72 2.92
C ILE A 240 0.85 5.88 3.91
N GLY A 241 2.05 5.52 3.44
CA GLY A 241 3.29 5.81 4.14
C GLY A 241 4.17 6.68 3.26
N VAL A 242 5.24 7.22 3.83
CA VAL A 242 6.11 8.11 3.09
C VAL A 242 7.56 7.70 3.34
N LEU A 243 8.30 7.53 2.24
CA LEU A 243 9.76 7.48 2.29
C LEU A 243 10.32 8.81 1.81
N TYR A 244 11.18 9.39 2.65
CA TYR A 244 12.07 10.47 2.25
C TYR A 244 13.42 9.89 1.85
N GLY A 245 13.97 10.40 0.74
CA GLY A 245 15.35 10.14 0.38
C GLY A 245 15.96 11.36 -0.29
N ARG A 246 17.22 11.68 0.05
CA ARG A 246 17.91 12.79 -0.57
C ARG A 246 17.89 12.62 -2.08
N ARG A 247 17.65 13.73 -2.79
CA ARG A 247 17.51 13.75 -4.25
C ARG A 247 18.65 12.99 -4.92
N GLU A 248 19.87 13.24 -4.45
CA GLU A 248 21.09 12.72 -5.06
C GLU A 248 21.11 11.19 -4.96
N LEU A 249 20.65 10.66 -3.81
CA LEU A 249 20.64 9.23 -3.58
C LEU A 249 19.56 8.54 -4.40
N LEU A 250 18.35 9.10 -4.40
CA LEU A 250 17.23 8.54 -5.16
C LEU A 250 17.62 8.39 -6.63
N ALA A 251 18.41 9.35 -7.14
CA ALA A 251 18.86 9.33 -8.53
C ALA A 251 19.75 8.14 -8.84
N GLN A 252 20.47 7.64 -7.83
CA GLN A 252 21.41 6.54 -8.01
C GLN A 252 20.75 5.17 -7.79
N MET A 253 19.50 5.15 -7.32
CA MET A 253 18.91 3.92 -6.82
C MET A 253 18.10 3.24 -7.92
N PRO A 254 18.25 1.92 -8.08
CA PRO A 254 17.38 1.16 -8.98
C PRO A 254 16.02 0.99 -8.32
N PRO A 255 14.97 0.64 -9.10
CA PRO A 255 13.62 0.47 -8.55
C PRO A 255 13.52 -0.73 -7.61
N PHE A 256 12.49 -0.71 -6.78
CA PHE A 256 12.15 -1.84 -5.92
C PHE A 256 11.02 -2.62 -6.57
N LEU A 257 9.77 -2.15 -6.41
CA LEU A 257 8.65 -2.76 -7.10
C LEU A 257 8.65 -2.26 -8.54
N THR A 258 8.29 -3.12 -9.49
CA THR A 258 8.25 -2.73 -10.89
C THR A 258 6.88 -3.05 -11.49
N GLY A 259 6.61 -2.35 -12.59
CA GLY A 259 5.34 -2.46 -13.28
C GLY A 259 5.03 -1.18 -14.07
N GLY A 260 3.73 -0.93 -14.25
CA GLY A 260 3.31 0.29 -14.91
C GLY A 260 3.64 1.52 -14.08
N SER A 261 3.63 2.69 -14.77
CA SER A 261 3.81 4.00 -14.15
C SER A 261 5.28 4.32 -13.92
N MET A 262 6.11 3.32 -13.57
CA MET A 262 7.48 3.59 -13.15
C MET A 262 8.48 3.30 -14.28
N ILE A 263 7.99 2.95 -15.47
CA ILE A 263 8.84 2.63 -16.61
C ILE A 263 8.95 3.85 -17.51
N GLU A 264 9.96 3.82 -18.39
CA GLU A 264 10.10 4.77 -19.49
C GLU A 264 9.93 4.06 -20.83
N THR A 265 10.82 3.11 -21.14
CA THR A 265 10.65 2.25 -22.31
C THR A 265 10.43 0.81 -21.84
N VAL A 266 9.72 0.02 -22.66
CA VAL A 266 9.48 -1.39 -22.38
C VAL A 266 9.44 -2.17 -23.69
N THR A 267 10.22 -3.26 -23.73
CA THR A 267 10.05 -4.33 -24.71
C THR A 267 9.85 -5.61 -23.91
N MET A 268 9.61 -6.73 -24.61
CA MET A 268 9.47 -8.00 -23.93
C MET A 268 10.78 -8.38 -23.24
N GLU A 269 11.90 -7.88 -23.79
CA GLU A 269 13.26 -8.24 -23.38
C GLU A 269 13.69 -7.48 -22.12
N GLY A 270 13.31 -6.20 -22.01
CA GLY A 270 13.71 -5.41 -20.85
C GLY A 270 13.03 -4.05 -20.84
N ALA A 271 13.44 -3.20 -19.90
CA ALA A 271 12.81 -1.91 -19.69
C ALA A 271 13.82 -0.93 -19.15
N THR A 272 13.56 0.37 -19.35
CA THR A 272 14.26 1.43 -18.65
C THR A 272 13.23 2.14 -17.77
N TYR A 273 13.71 2.88 -16.78
CA TYR A 273 12.89 3.27 -15.64
C TYR A 273 12.81 4.79 -15.57
N ALA A 274 11.68 5.28 -15.04
CA ALA A 274 11.43 6.70 -14.87
C ALA A 274 12.42 7.28 -13.88
N PRO A 275 12.57 8.63 -13.81
CA PRO A 275 13.30 9.26 -12.72
C PRO A 275 12.54 9.16 -11.39
N ALA A 276 13.26 9.44 -10.29
CA ALA A 276 12.65 9.56 -8.97
C ALA A 276 11.80 10.81 -8.92
N PRO A 277 10.68 10.84 -8.15
CA PRO A 277 10.24 9.72 -7.32
C PRO A 277 9.38 8.66 -8.01
N GLN A 278 8.98 8.89 -9.27
CA GLN A 278 8.07 8.01 -9.97
C GLN A 278 8.69 6.61 -10.13
N ARG A 279 10.02 6.52 -10.22
CA ARG A 279 10.75 5.27 -10.30
C ARG A 279 10.31 4.30 -9.20
N PHE A 280 9.91 4.83 -8.03
CA PHE A 280 9.68 4.01 -6.85
C PHE A 280 8.19 3.80 -6.56
N GLU A 281 7.33 4.21 -7.50
CA GLU A 281 5.89 4.12 -7.32
C GLU A 281 5.31 3.31 -8.48
N ALA A 282 5.15 1.99 -8.24
CA ALA A 282 4.70 1.07 -9.26
C ALA A 282 3.18 0.89 -9.13
N GLY A 283 2.47 1.05 -10.25
CA GLY A 283 1.04 0.82 -10.28
C GLY A 283 0.27 2.05 -9.81
N THR A 284 -1.06 1.90 -9.69
CA THR A 284 -1.92 3.00 -9.33
C THR A 284 -1.62 3.44 -7.90
N PRO A 285 -1.32 4.73 -7.66
CA PRO A 285 -1.04 5.22 -6.31
C PRO A 285 -2.31 5.34 -5.47
N MET A 286 -2.12 5.59 -4.16
CA MET A 286 -3.21 5.77 -3.23
C MET A 286 -3.68 7.23 -3.31
N THR A 287 -4.37 7.57 -4.41
CA THR A 287 -4.58 8.95 -4.82
C THR A 287 -5.40 9.71 -3.77
N SER A 288 -6.55 9.17 -3.37
CA SER A 288 -7.41 9.87 -2.42
C SER A 288 -6.74 9.94 -1.04
N GLN A 289 -5.84 9.01 -0.74
CA GLN A 289 -5.17 8.99 0.55
C GLN A 289 -4.09 10.08 0.60
N VAL A 290 -3.48 10.39 -0.55
CA VAL A 290 -2.53 11.51 -0.62
C VAL A 290 -3.25 12.83 -0.34
N VAL A 291 -4.44 12.98 -0.93
CA VAL A 291 -5.28 14.16 -0.69
C VAL A 291 -5.61 14.30 0.80
N GLY A 292 -6.05 13.20 1.42
CA GLY A 292 -6.34 13.17 2.86
C GLY A 292 -5.11 13.47 3.73
N LEU A 293 -3.95 12.90 3.37
CA LEU A 293 -2.75 13.08 4.18
C LEU A 293 -2.27 14.54 4.08
N ALA A 294 -2.38 15.15 2.90
CA ALA A 294 -2.07 16.55 2.70
C ALA A 294 -3.00 17.43 3.55
N ALA A 295 -4.29 17.05 3.64
CA ALA A 295 -5.24 17.71 4.51
C ALA A 295 -4.82 17.61 5.98
N ALA A 296 -4.30 16.44 6.39
CA ALA A 296 -3.84 16.22 7.76
C ALA A 296 -2.63 17.12 8.05
N ALA A 297 -1.70 17.20 7.10
CA ALA A 297 -0.53 18.07 7.22
C ALA A 297 -0.93 19.54 7.36
N ARG A 298 -1.96 19.97 6.62
CA ARG A 298 -2.42 21.37 6.67
C ARG A 298 -3.14 21.62 7.99
N TYR A 299 -3.83 20.60 8.51
CA TYR A 299 -4.54 20.69 9.77
C TYR A 299 -3.55 20.85 10.92
N LEU A 300 -2.53 20.00 10.97
CA LEU A 300 -1.53 20.06 12.02
C LEU A 300 -0.72 21.36 11.90
N GLY A 301 -0.38 21.73 10.66
CA GLY A 301 0.35 22.95 10.36
C GLY A 301 -0.38 24.21 10.82
N ALA A 302 -1.71 24.21 10.70
CA ALA A 302 -2.54 25.32 11.16
C ALA A 302 -2.48 25.47 12.68
N ILE A 303 -2.38 24.35 13.41
CA ILE A 303 -2.23 24.40 14.85
C ILE A 303 -0.80 24.83 15.19
N GLY A 304 0.16 24.34 14.40
CA GLY A 304 1.57 24.59 14.65
C GLY A 304 2.17 23.46 15.49
N MET A 305 3.23 22.83 14.98
CA MET A 305 3.75 21.61 15.58
C MET A 305 4.48 21.90 16.89
N ALA A 306 4.93 23.14 17.09
CA ALA A 306 5.53 23.53 18.36
C ALA A 306 4.46 23.51 19.46
N ALA A 307 3.25 23.99 19.12
CA ALA A 307 2.12 23.98 20.05
C ALA A 307 1.64 22.56 20.30
N VAL A 308 1.58 21.73 19.24
CA VAL A 308 1.20 20.32 19.40
C VAL A 308 2.17 19.66 20.39
N GLU A 309 3.47 19.88 20.20
CA GLU A 309 4.49 19.23 21.01
C GLU A 309 4.38 19.68 22.47
N ALA A 310 4.18 20.98 22.70
CA ALA A 310 4.06 21.52 24.04
C ALA A 310 2.87 20.89 24.76
N HIS A 311 1.73 20.81 24.08
CA HIS A 311 0.53 20.23 24.67
C HIS A 311 0.77 18.78 25.04
N GLU A 312 1.32 17.99 24.11
CA GLU A 312 1.56 16.57 24.37
C GLU A 312 2.51 16.38 25.55
N ARG A 313 3.54 17.22 25.65
CA ARG A 313 4.55 17.07 26.69
C ARG A 313 4.01 17.48 28.05
N GLU A 314 3.03 18.40 28.08
CA GLU A 314 2.25 18.66 29.28
C GLU A 314 1.49 17.42 29.75
N LEU A 315 0.81 16.72 28.82
CA LEU A 315 0.07 15.52 29.16
C LEU A 315 1.01 14.43 29.66
N VAL A 316 2.15 14.27 28.98
CA VAL A 316 3.13 13.24 29.33
C VAL A 316 3.67 13.49 30.74
N ALA A 317 4.00 14.75 31.06
CA ALA A 317 4.57 15.10 32.36
C ALA A 317 3.58 14.73 33.48
N ALA A 318 2.30 15.08 33.29
CA ALA A 318 1.24 14.78 34.23
C ALA A 318 1.04 13.27 34.36
N ALA A 319 1.12 12.53 33.24
CA ALA A 319 1.01 11.08 33.28
C ALA A 319 2.11 10.48 34.14
N ILE A 320 3.36 10.90 33.91
CA ILE A 320 4.51 10.36 34.62
C ILE A 320 4.39 10.68 36.12
N GLU A 321 3.98 11.91 36.45
CA GLU A 321 3.82 12.32 37.84
C GLU A 321 2.71 11.51 38.50
N GLY A 322 1.54 11.46 37.85
CA GLY A 322 0.39 10.70 38.33
C GLY A 322 0.70 9.23 38.53
N LEU A 323 1.33 8.59 37.53
CA LEU A 323 1.64 7.17 37.59
C LEU A 323 2.72 6.90 38.64
N SER A 324 3.70 7.83 38.74
CA SER A 324 4.79 7.71 39.69
C SER A 324 4.32 7.86 41.14
N GLY A 325 3.15 8.48 41.35
CA GLY A 325 2.56 8.59 42.67
C GLY A 325 1.80 7.33 43.10
N ILE A 326 1.77 6.29 42.24
CA ILE A 326 1.13 5.03 42.57
C ILE A 326 2.20 4.02 42.97
N ASP A 327 2.01 3.37 44.13
CA ASP A 327 2.95 2.38 44.62
C ASP A 327 3.01 1.19 43.66
N GLY A 328 4.23 0.78 43.33
CA GLY A 328 4.46 -0.41 42.53
C GLY A 328 4.35 -0.16 41.01
N VAL A 329 4.16 1.09 40.59
CA VAL A 329 4.15 1.41 39.16
C VAL A 329 5.54 1.88 38.75
N ARG A 330 6.10 1.28 37.69
CA ARG A 330 7.40 1.65 37.17
C ARG A 330 7.26 1.98 35.68
N ILE A 331 7.90 3.09 35.26
CA ILE A 331 7.88 3.54 33.87
C ILE A 331 9.01 2.85 33.10
N LEU A 332 8.72 2.39 31.88
CA LEU A 332 9.74 1.91 30.96
C LEU A 332 10.16 3.10 30.09
N GLY A 333 11.36 3.63 30.37
CA GLY A 333 11.82 4.88 29.78
C GLY A 333 12.08 5.93 30.85
N PRO A 334 12.45 7.18 30.50
CA PRO A 334 12.81 8.19 31.50
C PRO A 334 11.59 8.69 32.28
N THR A 335 11.81 9.00 33.56
CA THR A 335 10.81 9.71 34.35
C THR A 335 11.00 11.21 34.18
N SER A 336 12.22 11.59 33.77
CA SER A 336 12.57 12.94 33.35
C SER A 336 11.92 13.27 32.01
N MET A 337 11.66 14.57 31.77
CA MET A 337 11.10 15.03 30.51
C MET A 337 12.21 15.50 29.56
N ARG A 338 13.48 15.32 29.94
CA ARG A 338 14.59 15.71 29.09
C ARG A 338 14.64 14.80 27.86
N ASP A 339 14.55 15.42 26.67
CA ASP A 339 14.61 14.71 25.40
C ASP A 339 13.66 13.52 25.44
N ARG A 340 12.39 13.81 25.75
CA ARG A 340 11.38 12.79 25.95
C ARG A 340 10.01 13.34 25.60
N GLY A 341 9.22 12.56 24.85
CA GLY A 341 7.82 12.86 24.64
C GLY A 341 6.92 11.64 24.91
N SER A 342 5.81 11.58 24.18
CA SER A 342 4.92 10.43 24.16
C SER A 342 5.67 9.23 23.58
N PRO A 343 5.37 7.97 23.98
CA PRO A 343 4.37 7.62 25.01
C PRO A 343 4.94 7.32 26.39
N VAL A 344 4.03 6.96 27.31
CA VAL A 344 4.38 6.49 28.63
C VAL A 344 3.96 5.02 28.75
N ALA A 345 4.96 4.15 28.74
CA ALA A 345 4.78 2.73 28.94
C ALA A 345 5.15 2.39 30.39
N PHE A 346 4.44 1.45 30.99
CA PHE A 346 4.62 1.18 32.41
C PHE A 346 4.15 -0.23 32.76
N VAL A 347 4.66 -0.68 33.91
CA VAL A 347 4.27 -1.94 34.51
C VAL A 347 3.67 -1.64 35.88
N VAL A 348 2.79 -2.53 36.34
CA VAL A 348 2.15 -2.40 37.64
C VAL A 348 2.52 -3.65 38.42
N GLU A 349 3.27 -3.48 39.52
CA GLU A 349 3.73 -4.63 40.27
C GLU A 349 2.51 -5.42 40.74
N GLY A 350 2.51 -6.72 40.45
CA GLY A 350 1.46 -7.63 40.88
C GLY A 350 0.23 -7.61 39.98
N VAL A 351 0.26 -6.83 38.90
CA VAL A 351 -0.90 -6.78 37.97
C VAL A 351 -0.40 -6.89 36.53
N HIS A 352 -0.76 -7.98 35.87
CA HIS A 352 -0.37 -8.20 34.45
C HIS A 352 -0.95 -7.09 33.58
N ALA A 353 -0.16 -6.67 32.59
CA ALA A 353 -0.58 -5.61 31.67
C ALA A 353 -1.96 -5.91 31.06
N HIS A 354 -2.24 -7.16 30.70
CA HIS A 354 -3.54 -7.47 30.11
C HIS A 354 -4.67 -7.10 31.07
N ASP A 355 -4.44 -7.29 32.37
CA ASP A 355 -5.43 -6.99 33.39
C ASP A 355 -5.52 -5.48 33.59
N VAL A 356 -4.37 -4.80 33.66
CA VAL A 356 -4.35 -3.35 33.73
C VAL A 356 -5.17 -2.77 32.58
N GLY A 357 -4.88 -3.24 31.35
CA GLY A 357 -5.55 -2.77 30.14
C GLY A 357 -7.06 -2.99 30.18
N GLN A 358 -7.50 -4.13 30.73
CA GLN A 358 -8.91 -4.46 30.83
C GLN A 358 -9.62 -3.53 31.82
N VAL A 359 -9.00 -3.21 32.95
CA VAL A 359 -9.61 -2.30 33.91
C VAL A 359 -9.70 -0.90 33.31
N LEU A 360 -8.63 -0.45 32.65
CA LEU A 360 -8.67 0.84 31.96
C LEU A 360 -9.79 0.87 30.92
N ASP A 361 -9.94 -0.22 30.15
CA ASP A 361 -10.93 -0.27 29.09
C ASP A 361 -12.34 -0.22 29.67
N ASP A 362 -12.55 -0.80 30.86
CA ASP A 362 -13.85 -0.74 31.50
C ASP A 362 -14.20 0.71 31.84
N GLY A 363 -13.19 1.54 32.13
CA GLY A 363 -13.38 2.96 32.36
C GLY A 363 -13.42 3.79 31.08
N GLY A 364 -13.44 3.13 29.92
CA GLY A 364 -13.47 3.81 28.63
C GLY A 364 -12.08 4.30 28.18
N VAL A 365 -11.02 3.94 28.90
CA VAL A 365 -9.67 4.37 28.58
C VAL A 365 -8.98 3.29 27.73
N ALA A 366 -8.59 3.67 26.51
CA ALA A 366 -7.95 2.78 25.56
C ALA A 366 -6.43 2.97 25.57
N VAL A 367 -5.71 1.96 26.05
CA VAL A 367 -4.27 1.90 25.98
C VAL A 367 -3.90 0.60 25.28
N ARG A 368 -2.68 0.53 24.73
CA ARG A 368 -2.17 -0.70 24.16
C ARG A 368 -1.46 -1.49 25.25
N VAL A 369 -1.66 -2.82 25.23
CA VAL A 369 -0.91 -3.71 26.10
C VAL A 369 -0.22 -4.76 25.24
N GLY A 370 1.01 -5.12 25.62
CA GLY A 370 1.83 -6.04 24.87
C GLY A 370 3.27 -5.54 24.78
N HIS A 371 3.96 -5.88 23.69
CA HIS A 371 5.35 -5.48 23.51
C HIS A 371 5.49 -4.31 22.54
N HIS A 372 4.36 -3.86 21.95
CA HIS A 372 4.32 -2.67 21.10
C HIS A 372 5.26 -2.77 19.90
N ALA A 374 8.16 -4.03 19.88
CA ALA A 374 9.53 -3.75 20.32
C ALA A 374 9.92 -4.80 21.37
N LEU A 375 9.97 -6.06 20.94
CA LEU A 375 10.18 -7.18 21.84
C LEU A 375 11.62 -7.17 22.36
N PRO A 376 12.67 -6.95 21.53
CA PRO A 376 14.04 -6.85 22.05
C PRO A 376 14.17 -5.83 23.19
N LEU A 377 13.46 -4.70 23.09
CA LEU A 377 13.49 -3.68 24.13
C LEU A 377 12.92 -4.22 25.44
N HIS A 378 11.74 -4.86 25.37
CA HIS A 378 11.10 -5.43 26.53
C HIS A 378 11.96 -6.54 27.15
N ARG A 379 12.55 -7.40 26.31
CA ARG A 379 13.40 -8.48 26.77
C ARG A 379 14.64 -7.92 27.49
N ARG A 380 15.16 -6.79 27.01
CA ARG A 380 16.31 -6.13 27.60
C ARG A 380 16.01 -5.72 29.04
N PHE A 381 14.74 -5.43 29.35
CA PHE A 381 14.37 -5.03 30.70
C PHE A 381 13.67 -6.16 31.45
N GLY A 382 13.75 -7.39 30.90
CA GLY A 382 13.15 -8.56 31.52
C GLY A 382 11.63 -8.50 31.59
N LEU A 383 11.00 -7.83 30.61
CA LEU A 383 9.55 -7.62 30.62
C LEU A 383 8.91 -8.40 29.46
N ALA A 384 7.71 -8.91 29.71
CA ALA A 384 6.90 -9.56 28.69
C ALA A 384 6.08 -8.51 27.95
N ALA A 385 5.46 -7.62 28.74
CA ALA A 385 4.47 -6.69 28.24
C ALA A 385 4.42 -5.47 29.14
N THR A 386 4.04 -4.33 28.54
CA THR A 386 3.76 -3.12 29.28
C THR A 386 2.39 -2.60 28.84
N ALA A 387 1.78 -1.77 29.69
CA ALA A 387 0.68 -0.93 29.26
C ALA A 387 1.27 0.36 28.72
N ARG A 388 0.66 0.91 27.65
CA ARG A 388 1.21 2.08 27.00
C ARG A 388 0.10 3.10 26.75
N ALA A 389 0.26 4.27 27.37
CA ALA A 389 -0.59 5.43 27.11
C ALA A 389 0.17 6.38 26.18
N SER A 390 -0.41 6.63 25.00
CA SER A 390 0.15 7.59 24.08
C SER A 390 -0.83 8.75 23.92
N PHE A 391 -0.28 9.93 23.61
CA PHE A 391 -1.02 11.19 23.71
C PHE A 391 -0.98 11.89 22.37
N ALA A 392 -2.12 12.46 21.98
CA ALA A 392 -2.21 13.25 20.77
C ALA A 392 -2.76 14.64 21.08
N VAL A 393 -2.83 15.47 20.04
CA VAL A 393 -3.25 16.86 20.15
C VAL A 393 -4.66 16.96 20.75
N TYR A 394 -5.50 15.93 20.54
CA TYR A 394 -6.91 15.98 20.92
C TYR A 394 -7.15 15.47 22.34
N ASN A 395 -6.10 15.04 23.06
CA ASN A 395 -6.26 14.50 24.39
C ASN A 395 -6.23 15.62 25.44
N THR A 396 -6.77 15.34 26.62
CA THR A 396 -6.98 16.35 27.65
C THR A 396 -6.38 15.89 28.97
N ALA A 397 -6.26 16.85 29.90
CA ALA A 397 -5.73 16.60 31.23
C ALA A 397 -6.65 15.65 32.00
N ASP A 398 -7.95 15.71 31.74
CA ASP A 398 -8.89 14.87 32.47
C ASP A 398 -8.68 13.40 32.06
N GLU A 399 -8.34 13.18 30.78
CA GLU A 399 -8.09 11.83 30.29
C GLU A 399 -6.87 11.25 31.00
N VAL A 400 -5.86 12.08 31.25
CA VAL A 400 -4.68 11.66 32.00
C VAL A 400 -5.09 11.24 33.40
N ASP A 401 -5.97 12.02 34.02
CA ASP A 401 -6.40 11.73 35.39
C ASP A 401 -7.21 10.43 35.41
N ARG A 402 -7.98 10.18 34.35
CA ARG A 402 -8.75 8.94 34.22
C ARG A 402 -7.81 7.74 34.07
N LEU A 403 -6.68 7.93 33.39
CA LEU A 403 -5.66 6.89 33.29
C LEU A 403 -5.10 6.55 34.68
N VAL A 404 -4.74 7.57 35.45
CA VAL A 404 -4.17 7.38 36.77
C VAL A 404 -5.17 6.67 37.69
N ALA A 405 -6.41 7.17 37.74
CA ALA A 405 -7.47 6.56 38.53
C ALA A 405 -7.71 5.09 38.12
N GLY A 406 -7.67 4.80 36.81
CA GLY A 406 -7.87 3.45 36.32
C GLY A 406 -6.76 2.49 36.76
N VAL A 407 -5.52 2.99 36.78
CA VAL A 407 -4.39 2.18 37.22
C VAL A 407 -4.52 1.92 38.72
N ARG A 408 -4.97 2.91 39.49
CA ARG A 408 -5.25 2.74 40.91
C ARG A 408 -6.35 1.70 41.12
N ARG A 409 -7.43 1.82 40.33
CA ARG A 409 -8.56 0.91 40.43
C ARG A 409 -8.11 -0.53 40.15
N SER A 410 -7.14 -0.71 39.24
CA SER A 410 -6.66 -2.05 38.90
C SER A 410 -5.94 -2.68 40.11
N ARG A 411 -5.16 -1.88 40.84
CA ARG A 411 -4.47 -2.38 42.02
CA ARG A 411 -4.47 -2.38 42.02
C ARG A 411 -5.47 -2.85 43.06
N HIS A 412 -6.49 -2.03 43.34
CA HIS A 412 -7.48 -2.33 44.36
C HIS A 412 -8.33 -3.54 43.98
N PHE A 413 -8.62 -3.71 42.68
CA PHE A 413 -9.46 -4.81 42.23
C PHE A 413 -8.72 -6.15 42.30
N PHE A 414 -7.40 -6.16 42.05
CA PHE A 414 -6.61 -7.38 42.07
C PHE A 414 -5.80 -7.48 43.38
N LEU B 8 -31.21 -4.98 -15.13
CA LEU B 8 -30.61 -3.99 -14.19
C LEU B 8 -31.52 -2.76 -14.09
N ASP B 9 -31.62 -2.20 -12.89
CA ASP B 9 -32.18 -0.87 -12.73
C ASP B 9 -31.04 0.14 -12.81
N LEU B 10 -30.75 0.57 -14.05
CA LEU B 10 -29.58 1.37 -14.35
C LEU B 10 -29.72 2.78 -13.79
N ALA B 11 -30.94 3.33 -13.81
CA ALA B 11 -31.19 4.64 -13.23
C ALA B 11 -30.88 4.61 -11.74
N ALA B 12 -31.23 3.50 -11.07
CA ALA B 12 -31.03 3.36 -9.63
C ALA B 12 -29.55 3.15 -9.30
N ILE B 13 -28.83 2.41 -10.15
CA ILE B 13 -27.41 2.17 -9.98
C ILE B 13 -26.64 3.48 -10.11
N ARG B 14 -26.89 4.23 -11.19
CA ARG B 14 -26.20 5.47 -11.47
C ARG B 14 -26.43 6.50 -10.36
N ALA B 15 -27.61 6.45 -9.72
CA ALA B 15 -27.93 7.38 -8.64
C ALA B 15 -27.06 7.13 -7.40
N ASP B 16 -26.39 5.98 -7.32
CA ASP B 16 -25.50 5.71 -6.20
C ASP B 16 -24.15 6.41 -6.36
N PHE B 17 -23.85 6.95 -7.55
CA PHE B 17 -22.54 7.53 -7.85
C PHE B 17 -22.63 9.04 -8.01
N PRO B 18 -22.25 9.84 -6.98
CA PRO B 18 -22.38 11.30 -7.05
C PRO B 18 -21.68 11.95 -8.24
N ILE B 19 -20.53 11.40 -8.64
CA ILE B 19 -19.68 12.03 -9.64
C ILE B 19 -20.35 12.02 -11.00
N LEU B 20 -21.28 11.09 -11.23
CA LEU B 20 -21.90 10.93 -12.55
C LEU B 20 -22.82 12.10 -12.88
N LYS B 21 -23.18 12.91 -11.88
CA LYS B 21 -24.01 14.10 -12.08
C LYS B 21 -23.19 15.28 -12.59
N ARG B 22 -21.86 15.18 -12.63
CA ARG B 22 -21.04 16.37 -12.82
C ARG B 22 -21.13 16.86 -14.27
N ILE B 23 -21.19 18.19 -14.43
CA ILE B 23 -21.12 18.84 -15.73
C ILE B 23 -19.66 19.24 -15.97
N MET B 24 -19.13 18.83 -17.13
CA MET B 24 -17.72 19.00 -17.42
C MET B 24 -17.49 20.39 -18.05
N ARG B 25 -16.22 20.74 -18.29
CA ARG B 25 -15.86 22.11 -18.62
C ARG B 25 -16.50 22.55 -19.93
N GLY B 26 -16.78 21.59 -20.82
CA GLY B 26 -17.41 21.86 -22.11
C GLY B 26 -18.93 21.96 -22.04
N GLY B 27 -19.50 21.84 -20.84
CA GLY B 27 -20.92 22.11 -20.61
C GLY B 27 -21.80 20.86 -20.61
N ASN B 28 -21.24 19.68 -20.96
CA ASN B 28 -22.02 18.46 -21.06
C ASN B 28 -21.88 17.63 -19.79
N PRO B 29 -22.87 16.76 -19.48
CA PRO B 29 -22.75 15.82 -18.36
C PRO B 29 -21.67 14.79 -18.64
N LEU B 30 -20.92 14.44 -17.59
CA LEU B 30 -19.81 13.50 -17.68
C LEU B 30 -20.29 12.19 -18.29
N ALA B 31 -19.56 11.70 -19.30
CA ALA B 31 -19.67 10.34 -19.78
C ALA B 31 -18.34 9.62 -19.53
N TYR B 32 -18.25 8.93 -18.40
CA TYR B 32 -16.99 8.37 -17.96
C TYR B 32 -16.79 6.98 -18.54
N LEU B 33 -15.95 6.88 -19.58
CA LEU B 33 -15.62 5.61 -20.21
C LEU B 33 -14.15 5.27 -19.96
N ASP B 34 -13.69 5.42 -18.70
CA ASP B 34 -12.30 5.12 -18.36
C ASP B 34 -12.24 4.34 -17.05
N SER B 35 -13.28 3.54 -16.78
CA SER B 35 -13.33 2.66 -15.62
C SER B 35 -12.22 1.61 -15.62
N GLY B 36 -11.68 1.29 -16.80
CA GLY B 36 -10.53 0.42 -16.93
C GLY B 36 -9.28 0.97 -16.23
N ALA B 37 -9.18 2.31 -16.13
CA ALA B 37 -8.08 2.96 -15.43
C ALA B 37 -8.40 3.06 -13.94
N THR B 38 -9.61 3.52 -13.62
CA THR B 38 -10.09 3.57 -12.24
C THR B 38 -11.61 3.80 -12.29
N SER B 39 -12.33 3.08 -11.43
CA SER B 39 -13.78 3.13 -11.43
C SER B 39 -14.24 4.21 -10.45
N GLN B 40 -15.50 4.61 -10.56
CA GLN B 40 -16.07 5.60 -9.66
C GLN B 40 -16.68 4.86 -8.46
N ARG B 41 -16.96 5.62 -7.39
CA ARG B 41 -17.31 5.06 -6.09
C ARG B 41 -18.79 5.30 -5.79
N PRO B 42 -19.56 4.26 -5.41
CA PRO B 42 -20.92 4.46 -4.92
C PRO B 42 -20.94 4.89 -3.46
N LEU B 43 -22.04 5.57 -3.08
CA LEU B 43 -22.25 6.06 -1.74
C LEU B 43 -22.09 4.94 -0.71
N GLN B 44 -22.53 3.72 -1.07
CA GLN B 44 -22.47 2.58 -0.18
C GLN B 44 -21.01 2.32 0.27
N VAL B 45 -20.07 2.50 -0.66
CA VAL B 45 -18.66 2.26 -0.36
C VAL B 45 -18.08 3.42 0.43
N LEU B 46 -18.39 4.66 0.00
CA LEU B 46 -17.94 5.87 0.67
C LEU B 46 -18.46 5.88 2.11
N ASP B 47 -19.72 5.47 2.30
CA ASP B 47 -20.36 5.51 3.60
C ASP B 47 -19.84 4.41 4.51
N ALA B 48 -19.61 3.20 3.99
CA ALA B 48 -19.07 2.12 4.81
C ALA B 48 -17.74 2.52 5.46
N GLU B 49 -16.86 3.17 4.69
CA GLU B 49 -15.53 3.54 5.16
C GLU B 49 -15.62 4.67 6.18
N ARG B 50 -16.46 5.68 5.90
CA ARG B 50 -16.63 6.84 6.77
C ARG B 50 -17.27 6.43 8.10
N GLU B 51 -18.27 5.55 8.05
CA GLU B 51 -18.92 5.05 9.27
C GLU B 51 -17.93 4.26 10.13
N PHE B 52 -17.07 3.45 9.50
CA PHE B 52 -16.04 2.72 10.22
C PHE B 52 -15.09 3.69 10.92
N LEU B 53 -14.62 4.70 10.17
CA LEU B 53 -13.60 5.61 10.66
C LEU B 53 -14.11 6.52 11.78
N THR B 54 -15.40 6.84 11.78
CA THR B 54 -15.94 7.74 12.80
C THR B 54 -16.50 6.97 14.00
N ALA B 55 -16.42 5.63 14.01
CA ALA B 55 -17.03 4.83 15.07
C ALA B 55 -16.05 3.79 15.65
N SER B 56 -15.30 3.07 14.79
CA SER B 56 -14.65 1.82 15.18
C SER B 56 -13.15 1.81 14.89
N ASN B 57 -12.56 2.99 14.65
CA ASN B 57 -11.18 3.07 14.19
C ASN B 57 -10.21 2.80 15.33
N GLY B 58 -9.47 1.70 15.21
CA GLY B 58 -8.48 1.30 16.20
C GLY B 58 -7.48 0.35 15.55
N ALA B 59 -6.45 -0.04 16.30
CA ALA B 59 -5.41 -0.91 15.76
C ALA B 59 -5.99 -2.30 15.58
N VAL B 60 -5.54 -3.00 14.54
CA VAL B 60 -6.04 -4.32 14.23
C VAL B 60 -5.08 -5.36 14.81
N HIS B 61 -5.64 -6.41 15.43
CA HIS B 61 -4.90 -7.58 15.89
C HIS B 61 -3.92 -7.26 17.03
N ARG B 62 -3.79 -5.98 17.41
CA ARG B 62 -2.90 -5.59 18.49
C ARG B 62 -3.74 -5.04 19.63
N GLY B 63 -3.78 -5.76 20.78
CA GLY B 63 -4.88 -5.73 21.73
C GLY B 63 -4.67 -4.72 22.88
N ALA B 64 -5.71 -4.54 23.72
CA ALA B 64 -6.89 -5.38 23.76
C ALA B 64 -8.16 -4.59 24.11
N HIS B 65 -8.24 -3.33 23.68
CA HIS B 65 -9.36 -2.47 24.04
C HIS B 65 -10.50 -2.61 23.01
N GLN B 66 -11.64 -1.99 23.31
CA GLN B 66 -12.88 -2.23 22.57
C GLN B 66 -12.73 -1.84 21.10
N LEU B 67 -12.09 -0.71 20.79
CA LEU B 67 -11.98 -0.26 19.40
C LEU B 67 -11.10 -1.22 18.60
N MET B 68 -10.09 -1.82 19.25
CA MET B 68 -9.25 -2.82 18.61
CA MET B 68 -9.25 -2.82 18.62
C MET B 68 -10.10 -4.01 18.20
N GLU B 69 -11.02 -4.43 19.08
CA GLU B 69 -11.89 -5.59 18.82
C GLU B 69 -12.81 -5.31 17.63
N GLU B 70 -13.38 -4.11 17.60
CA GLU B 70 -14.27 -3.73 16.52
C GLU B 70 -13.51 -3.59 15.19
N ALA B 71 -12.31 -3.00 15.23
CA ALA B 71 -11.51 -2.82 14.04
C ALA B 71 -11.11 -4.18 13.47
N THR B 72 -10.67 -5.09 14.36
CA THR B 72 -10.23 -6.41 13.97
C THR B 72 -11.38 -7.18 13.33
N ASP B 73 -12.56 -7.11 13.96
CA ASP B 73 -13.78 -7.71 13.41
C ASP B 73 -14.09 -7.19 12.01
N ALA B 74 -14.01 -5.86 11.82
CA ALA B 74 -14.31 -5.24 10.53
C ALA B 74 -13.33 -5.72 9.48
N TYR B 75 -12.04 -5.78 9.84
CA TYR B 75 -10.95 -6.19 8.96
C TYR B 75 -11.14 -7.64 8.49
N GLU B 76 -11.42 -8.55 9.44
CA GLU B 76 -11.44 -9.97 9.12
C GLU B 76 -12.76 -10.35 8.46
N GLN B 77 -13.86 -9.65 8.78
CA GLN B 77 -15.13 -9.86 8.10
C GLN B 77 -15.04 -9.32 6.67
N GLY B 78 -14.31 -8.21 6.48
CA GLY B 78 -14.05 -7.67 5.16
C GLY B 78 -13.32 -8.68 4.28
N ARG B 79 -12.24 -9.27 4.81
CA ARG B 79 -11.49 -10.31 4.13
C ARG B 79 -12.44 -11.44 3.73
N ALA B 80 -13.30 -11.90 4.65
CA ALA B 80 -14.24 -12.98 4.38
C ALA B 80 -15.21 -12.61 3.26
N ASP B 81 -15.76 -11.38 3.28
CA ASP B 81 -16.69 -10.92 2.26
C ASP B 81 -16.03 -10.88 0.88
N ILE B 82 -14.78 -10.40 0.82
CA ILE B 82 -14.07 -10.32 -0.45
C ILE B 82 -13.76 -11.74 -0.94
N ALA B 83 -13.38 -12.64 -0.02
CA ALA B 83 -13.06 -14.01 -0.40
C ALA B 83 -14.28 -14.70 -1.01
N LEU B 84 -15.47 -14.49 -0.43
CA LEU B 84 -16.70 -15.08 -0.91
C LEU B 84 -17.00 -14.57 -2.33
N PHE B 85 -16.78 -13.28 -2.55
CA PHE B 85 -17.06 -12.66 -3.84
C PHE B 85 -16.22 -13.31 -4.95
N VAL B 86 -14.96 -13.68 -4.68
CA VAL B 86 -14.05 -14.14 -5.73
C VAL B 86 -13.82 -15.66 -5.66
N GLY B 87 -14.58 -16.36 -4.80
CA GLY B 87 -14.52 -17.81 -4.74
C GLY B 87 -13.21 -18.33 -4.17
N ALA B 88 -12.73 -17.69 -3.10
CA ALA B 88 -11.55 -18.15 -2.39
C ALA B 88 -11.91 -18.38 -0.93
N ASP B 89 -11.02 -19.02 -0.19
CA ASP B 89 -11.15 -19.10 1.27
C ASP B 89 -10.56 -17.82 1.86
N THR B 90 -11.03 -17.48 3.07
CA THR B 90 -10.66 -16.24 3.72
C THR B 90 -9.14 -16.16 3.90
N ASP B 91 -8.52 -17.28 4.28
CA ASP B 91 -7.10 -17.30 4.60
C ASP B 91 -6.23 -17.27 3.33
N GLU B 92 -6.83 -17.24 2.14
CA GLU B 92 -6.07 -17.30 0.89
C GLU B 92 -5.91 -15.91 0.26
N LEU B 93 -6.42 -14.86 0.93
CA LEU B 93 -6.26 -13.50 0.44
C LEU B 93 -5.26 -12.73 1.29
N VAL B 94 -4.35 -12.05 0.59
CA VAL B 94 -3.37 -11.14 1.16
C VAL B 94 -3.65 -9.75 0.59
N PHE B 95 -3.68 -8.74 1.47
CA PHE B 95 -3.88 -7.37 1.06
C PHE B 95 -2.55 -6.69 0.77
N THR B 96 -2.54 -5.93 -0.34
CA THR B 96 -1.41 -5.17 -0.83
C THR B 96 -1.89 -3.76 -1.14
N LYS B 97 -1.01 -2.85 -1.61
CA LYS B 97 -1.44 -1.48 -1.90
C LYS B 97 -2.17 -1.45 -3.25
N ASN B 98 -1.83 -2.40 -4.13
CA ASN B 98 -2.45 -2.49 -5.45
C ASN B 98 -2.10 -3.87 -6.02
N ALA B 99 -2.74 -4.21 -7.15
CA ALA B 99 -2.50 -5.47 -7.83
C ALA B 99 -1.03 -5.59 -8.24
N THR B 100 -0.42 -4.46 -8.60
CA THR B 100 0.95 -4.47 -9.07
C THR B 100 1.85 -5.03 -7.97
N GLU B 101 1.62 -4.60 -6.73
CA GLU B 101 2.40 -5.07 -5.59
C GLU B 101 2.18 -6.57 -5.37
N ALA B 102 0.95 -7.05 -5.62
CA ALA B 102 0.64 -8.46 -5.45
C ALA B 102 1.46 -9.31 -6.42
N LEU B 103 1.58 -8.87 -7.68
CA LEU B 103 2.35 -9.58 -8.69
C LEU B 103 3.84 -9.54 -8.36
N ASN B 104 4.30 -8.40 -7.83
CA ASN B 104 5.65 -8.23 -7.33
C ASN B 104 5.94 -9.20 -6.18
N LEU B 105 4.99 -9.34 -5.24
CA LEU B 105 5.16 -10.25 -4.10
C LEU B 105 5.51 -11.65 -4.63
N VAL B 106 4.72 -12.13 -5.59
CA VAL B 106 4.92 -13.47 -6.13
C VAL B 106 6.30 -13.55 -6.79
N SER B 107 6.66 -12.49 -7.53
CA SER B 107 7.89 -12.48 -8.30
C SER B 107 9.13 -12.48 -7.39
N TYR B 108 9.00 -11.90 -6.20
CA TYR B 108 10.12 -11.84 -5.27
C TYR B 108 10.25 -13.15 -4.52
N VAL B 109 9.13 -13.72 -4.08
CA VAL B 109 9.16 -14.98 -3.33
C VAL B 109 9.69 -16.11 -4.22
N LEU B 110 9.40 -16.06 -5.53
CA LEU B 110 9.89 -17.05 -6.48
C LEU B 110 11.40 -16.93 -6.75
N GLY B 111 12.06 -15.89 -6.21
CA GLY B 111 13.52 -15.79 -6.26
C GLY B 111 14.18 -16.01 -4.91
N ASP B 112 13.40 -16.43 -3.90
CA ASP B 112 13.86 -16.55 -2.52
C ASP B 112 14.34 -17.98 -2.30
N SER B 113 15.55 -18.13 -1.73
CA SER B 113 16.18 -19.43 -1.57
C SER B 113 15.42 -20.32 -0.59
N ARG B 114 14.59 -19.73 0.29
CA ARG B 114 13.86 -20.51 1.27
C ARG B 114 12.58 -21.10 0.67
N PHE B 115 12.21 -20.71 -0.56
CA PHE B 115 11.03 -21.26 -1.22
C PHE B 115 11.44 -22.44 -2.10
N GLU B 116 10.78 -23.58 -1.92
CA GLU B 116 11.16 -24.82 -2.59
C GLU B 116 10.82 -24.76 -4.09
N ARG B 117 9.95 -23.83 -4.50
CA ARG B 117 9.57 -23.70 -5.90
C ARG B 117 10.31 -22.51 -6.54
N ALA B 118 11.38 -22.03 -5.89
CA ALA B 118 12.14 -20.88 -6.38
C ALA B 118 12.87 -21.25 -7.67
N VAL B 119 13.05 -20.24 -8.54
CA VAL B 119 13.61 -20.46 -9.87
C VAL B 119 15.09 -20.07 -9.86
N GLY B 120 15.85 -20.68 -10.76
CA GLY B 120 17.28 -20.43 -10.89
C GLY B 120 17.75 -20.63 -12.33
N PRO B 121 19.08 -20.61 -12.61
CA PRO B 121 19.58 -20.86 -13.96
C PRO B 121 19.06 -22.19 -14.50
N GLY B 122 18.65 -22.21 -15.78
CA GLY B 122 18.07 -23.40 -16.39
C GLY B 122 16.54 -23.42 -16.36
N ASP B 123 15.94 -22.53 -15.55
CA ASP B 123 14.49 -22.48 -15.42
C ASP B 123 13.96 -21.43 -16.38
N VAL B 124 12.71 -21.62 -16.82
CA VAL B 124 12.04 -20.69 -17.72
C VAL B 124 10.82 -20.11 -17.01
N ILE B 125 10.66 -18.79 -17.14
CA ILE B 125 9.48 -18.05 -16.73
C ILE B 125 8.74 -17.64 -17.99
N VAL B 126 7.41 -17.81 -18.00
CA VAL B 126 6.61 -17.48 -19.17
C VAL B 126 5.62 -16.37 -18.82
N THR B 127 5.56 -15.34 -19.67
CA THR B 127 4.48 -14.36 -19.64
C THR B 127 3.87 -14.28 -21.04
N THR B 128 3.15 -13.20 -21.34
CA THR B 128 2.57 -13.04 -22.67
C THR B 128 2.79 -11.63 -23.15
N GLU B 129 2.75 -11.49 -24.48
CA GLU B 129 2.98 -10.22 -25.16
C GLU B 129 1.73 -9.34 -25.05
N LEU B 130 0.63 -9.92 -24.57
CA LEU B 130 -0.63 -9.21 -24.34
C LEU B 130 -0.61 -8.43 -23.02
N GLU B 131 0.34 -8.73 -22.12
CA GLU B 131 0.23 -8.34 -20.71
C GLU B 131 0.38 -6.83 -20.50
N HIS B 132 -0.34 -6.35 -19.49
CA HIS B 132 -0.03 -5.10 -18.82
C HIS B 132 1.36 -5.20 -18.21
N HIS B 133 2.08 -4.09 -18.15
CA HIS B 133 3.43 -4.01 -17.60
C HIS B 133 3.55 -4.61 -16.20
N ALA B 134 2.50 -4.51 -15.38
CA ALA B 134 2.48 -5.10 -14.05
C ALA B 134 2.75 -6.61 -14.10
N ASN B 135 2.35 -7.27 -15.19
CA ASN B 135 2.53 -8.70 -15.32
C ASN B 135 3.65 -9.02 -16.32
N LEU B 136 4.60 -8.07 -16.48
CA LEU B 136 5.74 -8.24 -17.36
C LEU B 136 7.03 -7.86 -16.64
N ILE B 137 7.11 -6.62 -16.13
CA ILE B 137 8.38 -6.11 -15.61
C ILE B 137 8.84 -6.95 -14.42
N PRO B 138 7.97 -7.36 -13.46
CA PRO B 138 8.44 -8.20 -12.35
C PRO B 138 9.12 -9.52 -12.75
N TRP B 139 8.68 -10.08 -13.89
CA TRP B 139 9.23 -11.32 -14.42
C TRP B 139 10.58 -11.08 -15.09
N GLN B 140 10.72 -9.93 -15.76
CA GLN B 140 12.01 -9.47 -16.26
C GLN B 140 13.00 -9.34 -15.11
N GLU B 141 12.56 -8.77 -13.98
CA GLU B 141 13.43 -8.55 -12.82
C GLU B 141 13.75 -9.86 -12.09
N LEU B 142 12.80 -10.79 -12.02
CA LEU B 142 13.05 -12.09 -11.42
C LEU B 142 14.10 -12.86 -12.23
N ALA B 143 13.97 -12.83 -13.56
CA ALA B 143 14.97 -13.40 -14.45
C ALA B 143 16.35 -12.78 -14.20
N ARG B 144 16.40 -11.44 -14.04
CA ARG B 144 17.65 -10.72 -13.85
C ARG B 144 18.33 -11.18 -12.56
N ARG B 145 17.55 -11.32 -11.47
CA ARG B 145 18.12 -11.60 -10.17
C ARG B 145 18.56 -13.07 -10.07
N THR B 146 17.89 -13.97 -10.77
CA THR B 146 18.09 -15.41 -10.55
C THR B 146 18.84 -16.10 -11.70
N GLY B 147 18.94 -15.45 -12.86
CA GLY B 147 19.52 -16.09 -14.04
C GLY B 147 18.55 -17.03 -14.75
N ALA B 148 17.28 -17.04 -14.32
CA ALA B 148 16.25 -17.72 -15.08
C ALA B 148 16.04 -16.99 -16.41
N THR B 149 15.38 -17.67 -17.36
CA THR B 149 15.15 -17.16 -18.69
C THR B 149 13.66 -16.82 -18.88
N LEU B 150 13.37 -15.66 -19.48
CA LEU B 150 12.00 -15.23 -19.73
C LEU B 150 11.60 -15.56 -21.17
N ARG B 151 10.47 -16.24 -21.33
CA ARG B 151 9.88 -16.50 -22.65
C ARG B 151 8.43 -16.03 -22.59
N TRP B 152 7.77 -15.95 -23.76
CA TRP B 152 6.41 -15.43 -23.82
C TRP B 152 5.62 -16.03 -24.98
N TYR B 153 4.30 -16.10 -24.77
CA TYR B 153 3.34 -16.29 -25.84
C TYR B 153 3.21 -14.99 -26.62
N GLY B 154 3.06 -15.12 -27.94
CA GLY B 154 2.71 -13.98 -28.78
C GLY B 154 1.20 -13.75 -28.79
N VAL B 155 0.78 -12.82 -29.65
CA VAL B 155 -0.60 -12.39 -29.80
C VAL B 155 -1.06 -12.74 -31.21
N THR B 156 -2.33 -13.18 -31.35
CA THR B 156 -2.93 -13.40 -32.66
C THR B 156 -3.27 -12.06 -33.30
N ASP B 157 -3.68 -12.11 -34.58
CA ASP B 157 -4.08 -10.92 -35.31
C ASP B 157 -5.34 -10.29 -34.70
N ASP B 158 -6.17 -11.06 -34.00
CA ASP B 158 -7.38 -10.52 -33.39
C ASP B 158 -7.15 -10.22 -31.89
N GLY B 159 -5.89 -10.17 -31.45
CA GLY B 159 -5.55 -9.66 -30.12
C GLY B 159 -5.77 -10.67 -29.00
N ARG B 160 -5.67 -11.97 -29.32
CA ARG B 160 -5.80 -13.05 -28.36
C ARG B 160 -4.44 -13.66 -28.09
N ILE B 161 -4.29 -14.34 -26.93
CA ILE B 161 -3.06 -15.10 -26.67
C ILE B 161 -2.96 -16.16 -27.76
N ASP B 162 -1.80 -16.21 -28.43
CA ASP B 162 -1.58 -17.17 -29.49
C ASP B 162 -1.01 -18.44 -28.88
N LEU B 163 -1.88 -19.43 -28.68
CA LEU B 163 -1.52 -20.64 -27.95
C LEU B 163 -0.54 -21.50 -28.75
N ASP B 164 -0.46 -21.29 -30.07
CA ASP B 164 0.44 -22.06 -30.92
C ASP B 164 1.83 -21.42 -30.99
N SER B 165 2.00 -20.23 -30.39
CA SER B 165 3.23 -19.46 -30.56
C SER B 165 4.32 -19.87 -29.57
N LEU B 166 3.98 -20.70 -28.58
CA LEU B 166 4.94 -21.13 -27.59
C LEU B 166 4.53 -22.49 -27.04
N TYR B 167 5.51 -23.38 -26.90
CA TYR B 167 5.29 -24.68 -26.29
C TYR B 167 6.04 -24.72 -24.96
N LEU B 168 5.36 -25.19 -23.93
CA LEU B 168 5.95 -25.33 -22.60
C LEU B 168 6.65 -26.68 -22.55
N ASP B 169 7.86 -26.69 -22.00
CA ASP B 169 8.59 -27.92 -21.75
C ASP B 169 8.87 -27.98 -20.25
N ASP B 170 9.69 -28.94 -19.81
CA ASP B 170 9.85 -29.22 -18.38
C ASP B 170 10.73 -28.19 -17.69
N ARG B 171 11.29 -27.22 -18.43
CA ARG B 171 12.05 -26.14 -17.81
C ARG B 171 11.13 -25.07 -17.22
N VAL B 172 9.88 -25.00 -17.69
CA VAL B 172 8.96 -23.92 -17.34
C VAL B 172 8.48 -24.13 -15.90
N LYS B 173 8.70 -23.10 -15.06
CA LYS B 173 8.39 -23.17 -13.64
C LYS B 173 7.29 -22.17 -13.27
N VAL B 174 7.11 -21.12 -14.09
CA VAL B 174 6.10 -20.11 -13.84
C VAL B 174 5.46 -19.74 -15.16
N VAL B 175 4.13 -19.69 -15.17
CA VAL B 175 3.37 -19.18 -16.31
C VAL B 175 2.44 -18.08 -15.80
N ALA B 176 2.67 -16.85 -16.26
CA ALA B 176 1.88 -15.69 -15.84
C ALA B 176 1.09 -15.19 -17.06
N PHE B 177 -0.18 -14.85 -16.84
CA PHE B 177 -1.02 -14.39 -17.95
C PHE B 177 -2.24 -13.64 -17.44
N THR B 178 -2.83 -12.83 -18.32
CA THR B 178 -4.02 -12.08 -18.01
C THR B 178 -5.26 -12.97 -18.14
N HIS B 179 -6.25 -12.69 -17.30
CA HIS B 179 -7.56 -13.30 -17.37
C HIS B 179 -8.39 -12.60 -18.45
N HIS B 180 -8.15 -11.30 -18.58
CA HIS B 180 -9.01 -10.40 -19.34
C HIS B 180 -8.17 -9.18 -19.71
N SER B 181 -7.97 -8.94 -21.02
CA SER B 181 -7.05 -7.92 -21.46
C SER B 181 -7.62 -6.53 -21.23
N ASN B 182 -6.77 -5.60 -20.76
CA ASN B 182 -7.15 -4.21 -20.52
C ASN B 182 -7.08 -3.38 -21.80
N VAL B 183 -6.80 -4.01 -22.95
CA VAL B 183 -6.76 -3.33 -24.24
C VAL B 183 -7.69 -4.01 -25.23
N THR B 184 -7.44 -5.31 -25.50
CA THR B 184 -8.16 -6.01 -26.54
C THR B 184 -9.49 -6.56 -26.02
N GLY B 185 -9.66 -6.63 -24.69
CA GLY B 185 -10.92 -7.06 -24.09
C GLY B 185 -11.12 -8.57 -24.14
N VAL B 186 -10.10 -9.34 -24.50
CA VAL B 186 -10.28 -10.78 -24.67
C VAL B 186 -10.27 -11.47 -23.31
N LEU B 187 -11.13 -12.48 -23.20
CA LEU B 187 -11.19 -13.41 -22.07
C LEU B 187 -10.35 -14.61 -22.46
N THR B 188 -9.32 -14.90 -21.65
CA THR B 188 -8.32 -15.87 -22.02
C THR B 188 -8.77 -17.28 -21.64
N PRO B 189 -8.24 -18.34 -22.31
CA PRO B 189 -8.62 -19.72 -22.02
C PRO B 189 -7.87 -20.26 -20.82
N VAL B 190 -8.32 -19.88 -19.62
CA VAL B 190 -7.60 -20.14 -18.40
C VAL B 190 -7.40 -21.64 -18.21
N SER B 191 -8.46 -22.43 -18.43
CA SER B 191 -8.40 -23.86 -18.16
C SER B 191 -7.35 -24.54 -19.05
N GLU B 192 -7.19 -24.06 -20.29
CA GLU B 192 -6.22 -24.62 -21.21
C GLU B 192 -4.79 -24.30 -20.72
N LEU B 193 -4.56 -23.05 -20.32
CA LEU B 193 -3.23 -22.62 -19.91
C LEU B 193 -2.84 -23.29 -18.59
N VAL B 194 -3.81 -23.49 -17.70
CA VAL B 194 -3.56 -24.18 -16.44
C VAL B 194 -3.20 -25.64 -16.72
N SER B 195 -3.90 -26.26 -17.67
CA SER B 195 -3.63 -27.62 -18.11
C SER B 195 -2.20 -27.75 -18.63
N ARG B 196 -1.80 -26.85 -19.53
CA ARG B 196 -0.48 -26.91 -20.12
C ARG B 196 0.61 -26.62 -19.08
N ALA B 197 0.34 -25.67 -18.16
CA ALA B 197 1.28 -25.36 -17.09
C ALA B 197 1.51 -26.58 -16.19
N HIS B 198 0.44 -27.34 -15.94
CA HIS B 198 0.54 -28.49 -15.04
C HIS B 198 1.34 -29.63 -15.68
N GLN B 199 1.30 -29.76 -17.02
CA GLN B 199 2.17 -30.72 -17.71
C GLN B 199 3.63 -30.50 -17.33
N SER B 200 4.03 -29.23 -17.14
CA SER B 200 5.40 -28.84 -16.87
C SER B 200 5.70 -28.80 -15.38
N GLY B 201 4.67 -28.90 -14.54
CA GLY B 201 4.79 -28.70 -13.11
C GLY B 201 4.95 -27.21 -12.73
N ALA B 202 4.52 -26.30 -13.61
CA ALA B 202 4.71 -24.88 -13.41
C ALA B 202 3.60 -24.30 -12.53
N LEU B 203 3.92 -23.22 -11.79
CA LEU B 203 2.93 -22.42 -11.07
C LEU B 203 2.26 -21.43 -12.02
N THR B 204 0.95 -21.17 -11.83
CA THR B 204 0.24 -20.21 -12.65
C THR B 204 -0.08 -18.94 -11.86
N VAL B 205 0.07 -17.78 -12.53
CA VAL B 205 -0.15 -16.48 -11.94
C VAL B 205 -1.13 -15.72 -12.83
N LEU B 206 -2.32 -15.40 -12.32
CA LEU B 206 -3.38 -14.84 -13.11
C LEU B 206 -3.54 -13.36 -12.78
N ASP B 207 -3.41 -12.50 -13.79
CA ASP B 207 -3.73 -11.09 -13.64
C ASP B 207 -5.23 -10.91 -13.86
N ALA B 208 -6.00 -10.74 -12.77
CA ALA B 208 -7.45 -10.72 -12.81
C ALA B 208 -8.01 -9.31 -12.56
N CYS B 209 -7.19 -8.27 -12.83
CA CYS B 209 -7.58 -6.90 -12.56
C CYS B 209 -8.81 -6.47 -13.36
N GLN B 210 -8.95 -6.96 -14.60
CA GLN B 210 -10.08 -6.57 -15.44
C GLN B 210 -11.18 -7.62 -15.44
N SER B 211 -10.99 -8.76 -14.77
CA SER B 211 -12.06 -9.74 -14.71
C SER B 211 -12.92 -9.56 -13.46
N VAL B 212 -12.29 -9.37 -12.30
CA VAL B 212 -13.04 -9.34 -11.05
C VAL B 212 -14.11 -8.24 -11.06
N PRO B 213 -13.89 -7.05 -11.67
CA PRO B 213 -14.93 -6.03 -11.76
C PRO B 213 -16.05 -6.28 -12.78
N HIS B 214 -15.80 -7.15 -13.77
CA HIS B 214 -16.61 -7.17 -14.98
C HIS B 214 -17.31 -8.51 -15.23
N GLN B 215 -16.97 -9.56 -14.47
CA GLN B 215 -17.51 -10.89 -14.73
C GLN B 215 -17.45 -11.74 -13.47
N PRO B 216 -18.29 -12.80 -13.35
CA PRO B 216 -18.15 -13.77 -12.26
C PRO B 216 -16.75 -14.39 -12.24
N VAL B 217 -16.12 -14.35 -11.07
CA VAL B 217 -14.82 -14.97 -10.87
C VAL B 217 -14.90 -15.93 -9.69
N ASP B 218 -14.47 -17.17 -9.94
CA ASP B 218 -14.35 -18.19 -8.91
C ASP B 218 -12.93 -18.74 -8.98
N LEU B 219 -12.06 -18.27 -8.07
CA LEU B 219 -10.63 -18.56 -8.17
C LEU B 219 -10.32 -20.04 -7.93
N HIS B 220 -11.10 -20.71 -7.06
CA HIS B 220 -10.96 -22.15 -6.88
C HIS B 220 -11.27 -22.89 -8.18
N GLU B 221 -12.38 -22.51 -8.84
CA GLU B 221 -12.81 -23.16 -10.06
C GLU B 221 -11.79 -22.96 -11.19
N LEU B 222 -11.12 -21.80 -11.21
CA LEU B 222 -10.15 -21.50 -12.25
C LEU B 222 -8.90 -22.36 -12.07
N GLY B 223 -8.59 -22.76 -10.83
CA GLY B 223 -7.52 -23.69 -10.53
C GLY B 223 -6.13 -23.07 -10.65
N VAL B 224 -6.08 -21.73 -10.70
CA VAL B 224 -4.80 -21.03 -10.76
C VAL B 224 -4.14 -21.06 -9.38
N ASP B 225 -2.82 -20.89 -9.36
CA ASP B 225 -2.04 -20.94 -8.12
C ASP B 225 -2.10 -19.60 -7.41
N PHE B 226 -1.95 -18.51 -8.18
CA PHE B 226 -2.01 -17.16 -7.66
C PHE B 226 -2.90 -16.29 -8.56
N ALA B 227 -3.48 -15.24 -7.99
CA ALA B 227 -4.20 -14.25 -8.78
C ALA B 227 -4.13 -12.90 -8.09
N ALA B 228 -4.12 -11.82 -8.90
CA ALA B 228 -4.03 -10.45 -8.42
C ALA B 228 -5.20 -9.63 -8.97
N PHE B 229 -5.76 -8.75 -8.13
CA PHE B 229 -6.75 -7.79 -8.60
C PHE B 229 -6.68 -6.55 -7.72
N SER B 230 -7.31 -5.46 -8.18
CA SER B 230 -7.20 -4.18 -7.50
C SER B 230 -8.58 -3.62 -7.15
N GLY B 231 -8.65 -3.04 -5.96
CA GLY B 231 -9.90 -2.56 -5.39
C GLY B 231 -10.49 -1.40 -6.19
N HIS B 232 -9.64 -0.46 -6.64
CA HIS B 232 -10.12 0.80 -7.19
C HIS B 232 -10.77 0.61 -8.57
N MET B 234 -12.96 -2.09 -9.00
CA MET B 234 -14.23 -2.77 -8.76
C MET B 234 -15.06 -1.98 -7.75
N LEU B 235 -15.08 -0.65 -7.93
CA LEU B 235 -15.90 0.31 -7.17
C LEU B 235 -15.35 0.53 -5.78
N GLY B 236 -14.15 0.01 -5.48
CA GLY B 236 -13.63 0.07 -4.13
C GLY B 236 -12.61 1.20 -3.96
N PRO B 237 -12.05 1.35 -2.74
CA PRO B 237 -11.07 2.41 -2.48
C PRO B 237 -9.75 2.24 -3.22
N ASN B 238 -9.02 3.35 -3.35
CA ASN B 238 -7.61 3.33 -3.70
C ASN B 238 -6.82 2.75 -2.55
N GLY B 239 -5.61 2.26 -2.86
CA GLY B 239 -4.64 1.85 -1.86
C GLY B 239 -4.88 0.44 -1.33
N ILE B 240 -5.73 -0.34 -2.01
CA ILE B 240 -5.92 -1.74 -1.66
C ILE B 240 -5.92 -2.60 -2.92
N GLY B 241 -5.03 -3.59 -2.90
CA GLY B 241 -5.00 -4.66 -3.88
C GLY B 241 -5.11 -6.01 -3.16
N VAL B 242 -5.31 -7.07 -3.94
CA VAL B 242 -5.46 -8.40 -3.36
C VAL B 242 -4.60 -9.38 -4.12
N LEU B 243 -3.85 -10.19 -3.37
CA LEU B 243 -3.24 -11.41 -3.89
C LEU B 243 -4.02 -12.61 -3.38
N TYR B 244 -4.46 -13.46 -4.31
CA TYR B 244 -4.92 -14.79 -3.98
C TYR B 244 -3.75 -15.76 -4.14
N GLY B 245 -3.60 -16.66 -3.17
CA GLY B 245 -2.74 -17.83 -3.31
C GLY B 245 -3.40 -19.04 -2.67
N ARG B 246 -3.26 -20.21 -3.30
CA ARG B 246 -3.72 -21.46 -2.73
C ARG B 246 -3.10 -21.64 -1.33
N ARG B 247 -3.92 -22.12 -0.40
CA ARG B 247 -3.55 -22.23 1.01
C ARG B 247 -2.24 -23.00 1.16
N GLU B 248 -2.12 -24.10 0.40
CA GLU B 248 -0.99 -25.01 0.52
C GLU B 248 0.28 -24.35 0.00
N LEU B 249 0.15 -23.44 -0.97
CA LEU B 249 1.30 -22.69 -1.48
C LEU B 249 1.73 -21.59 -0.52
N LEU B 250 0.77 -20.82 0.00
CA LEU B 250 1.10 -19.75 0.93
C LEU B 250 1.84 -20.31 2.14
N ALA B 251 1.45 -21.53 2.58
CA ALA B 251 2.07 -22.19 3.72
C ALA B 251 3.56 -22.43 3.48
N GLN B 252 3.95 -22.62 2.22
CA GLN B 252 5.31 -22.99 1.85
C GLN B 252 6.19 -21.76 1.60
N MET B 253 5.61 -20.56 1.59
CA MET B 253 6.29 -19.40 1.05
C MET B 253 6.94 -18.60 2.17
N PRO B 254 8.20 -18.13 2.00
CA PRO B 254 8.82 -17.22 2.95
C PRO B 254 8.19 -15.84 2.77
N PRO B 255 8.37 -14.91 3.74
CA PRO B 255 7.80 -13.58 3.65
C PRO B 255 8.46 -12.74 2.57
N PHE B 256 7.76 -11.67 2.17
CA PHE B 256 8.33 -10.68 1.26
C PHE B 256 8.73 -9.44 2.08
N LEU B 257 7.77 -8.56 2.39
CA LEU B 257 8.04 -7.42 3.26
C LEU B 257 8.04 -7.94 4.71
N THR B 258 8.96 -7.40 5.52
CA THR B 258 9.05 -7.81 6.91
C THR B 258 8.94 -6.61 7.85
N GLY B 259 8.60 -6.92 9.09
CA GLY B 259 8.46 -5.93 10.14
C GLY B 259 7.45 -6.40 11.19
N GLY B 260 6.76 -5.45 11.81
CA GLY B 260 5.75 -5.79 12.80
C GLY B 260 4.56 -6.48 12.15
N SER B 261 3.75 -7.13 12.99
CA SER B 261 2.52 -7.81 12.61
C SER B 261 2.77 -9.19 11.99
N MET B 262 3.86 -9.36 11.23
CA MET B 262 4.04 -10.59 10.47
C MET B 262 5.03 -11.54 11.17
N ILE B 263 5.52 -11.15 12.35
CA ILE B 263 6.48 -11.95 13.12
C ILE B 263 5.74 -12.80 14.15
N GLU B 264 6.43 -13.82 14.67
CA GLU B 264 5.99 -14.60 15.82
C GLU B 264 6.98 -14.48 16.98
N THR B 265 8.27 -14.72 16.72
CA THR B 265 9.32 -14.44 17.69
C THR B 265 10.32 -13.46 17.07
N VAL B 266 10.95 -12.65 17.92
CA VAL B 266 11.97 -11.70 17.47
C VAL B 266 13.08 -11.59 18.52
N THR B 267 14.33 -11.74 18.06
CA THR B 267 15.50 -11.30 18.79
C THR B 267 16.27 -10.35 17.87
N MET B 268 17.35 -9.73 18.36
CA MET B 268 18.19 -8.89 17.52
C MET B 268 18.81 -9.72 16.41
N GLU B 269 19.02 -11.01 16.66
CA GLU B 269 19.72 -11.91 15.75
C GLU B 269 18.81 -12.38 14.63
N GLY B 270 17.54 -12.71 14.94
CA GLY B 270 16.63 -13.26 13.95
C GLY B 270 15.17 -13.24 14.39
N ALA B 271 14.30 -13.79 13.55
CA ALA B 271 12.88 -13.81 13.80
C ALA B 271 12.26 -15.05 13.16
N THR B 272 11.12 -15.49 13.72
CA THR B 272 10.24 -16.45 13.07
C THR B 272 8.98 -15.71 12.66
N TYR B 273 8.24 -16.28 11.70
CA TYR B 273 7.21 -15.56 10.99
C TYR B 273 5.85 -16.21 11.25
N ALA B 274 4.80 -15.38 11.26
CA ALA B 274 3.42 -15.84 11.43
C ALA B 274 3.02 -16.74 10.27
N PRO B 275 1.92 -17.53 10.41
CA PRO B 275 1.29 -18.18 9.27
C PRO B 275 0.65 -17.21 8.28
N ALA B 276 0.36 -17.70 7.08
CA ALA B 276 -0.39 -16.95 6.08
C ALA B 276 -1.84 -16.80 6.53
N PRO B 277 -2.55 -15.71 6.15
CA PRO B 277 -1.99 -14.65 5.33
C PRO B 277 -1.18 -13.57 6.06
N GLN B 278 -1.19 -13.59 7.40
CA GLN B 278 -0.53 -12.56 8.19
C GLN B 278 0.96 -12.47 7.84
N ARG B 279 1.59 -13.59 7.46
CA ARG B 279 3.00 -13.64 7.10
C ARG B 279 3.33 -12.60 6.02
N PHE B 280 2.35 -12.30 5.15
CA PHE B 280 2.59 -11.47 3.98
C PHE B 280 2.09 -10.02 4.15
N GLU B 281 1.63 -9.66 5.35
CA GLU B 281 1.10 -8.33 5.61
C GLU B 281 1.93 -7.68 6.71
N ALA B 282 2.93 -6.90 6.29
CA ALA B 282 3.86 -6.25 7.21
C ALA B 282 3.36 -4.84 7.54
N GLY B 283 3.30 -4.55 8.85
CA GLY B 283 2.93 -3.23 9.36
C GLY B 283 1.43 -3.00 9.32
N THR B 284 1.03 -1.76 9.62
CA THR B 284 -0.38 -1.43 9.75
C THR B 284 -1.07 -1.63 8.41
N PRO B 285 -2.16 -2.42 8.34
CA PRO B 285 -2.86 -2.65 7.07
C PRO B 285 -3.78 -1.47 6.72
N MET B 286 -4.35 -1.54 5.50
CA MET B 286 -5.21 -0.49 5.01
C MET B 286 -6.63 -0.77 5.50
N THR B 287 -6.83 -0.61 6.81
CA THR B 287 -7.99 -1.14 7.50
C THR B 287 -9.30 -0.59 6.91
N SER B 288 -9.41 0.75 6.80
CA SER B 288 -10.64 1.35 6.32
C SER B 288 -10.87 1.04 4.83
N GLN B 289 -9.80 0.75 4.08
CA GLN B 289 -9.92 0.41 2.68
C GLN B 289 -10.42 -1.03 2.51
N VAL B 290 -10.10 -1.92 3.47
CA VAL B 290 -10.66 -3.26 3.48
C VAL B 290 -12.17 -3.20 3.71
N VAL B 291 -12.60 -2.33 4.63
CA VAL B 291 -14.02 -2.14 4.91
C VAL B 291 -14.72 -1.63 3.65
N GLY B 292 -14.13 -0.64 2.99
CA GLY B 292 -14.65 -0.11 1.74
C GLY B 292 -14.72 -1.15 0.61
N LEU B 293 -13.66 -1.98 0.48
CA LEU B 293 -13.61 -2.96 -0.60
C LEU B 293 -14.66 -4.05 -0.36
N ALA B 294 -14.84 -4.45 0.89
CA ALA B 294 -15.87 -5.43 1.22
C ALA B 294 -17.25 -4.86 0.86
N ALA B 295 -17.47 -3.55 1.08
CA ALA B 295 -18.72 -2.91 0.71
C ALA B 295 -18.92 -2.95 -0.81
N ALA B 296 -17.84 -2.75 -1.57
CA ALA B 296 -17.90 -2.80 -3.03
C ALA B 296 -18.27 -4.21 -3.50
N ALA B 297 -17.65 -5.23 -2.90
CA ALA B 297 -17.94 -6.63 -3.22
C ALA B 297 -19.41 -6.95 -2.96
N ARG B 298 -19.96 -6.44 -1.85
CA ARG B 298 -21.36 -6.70 -1.48
C ARG B 298 -22.29 -5.97 -2.45
N TYR B 299 -21.87 -4.77 -2.89
CA TYR B 299 -22.63 -3.96 -3.84
C TYR B 299 -22.74 -4.71 -5.17
N LEU B 300 -21.59 -5.14 -5.71
CA LEU B 300 -21.56 -5.85 -6.99
C LEU B 300 -22.28 -7.19 -6.86
N GLY B 301 -22.07 -7.90 -5.75
CA GLY B 301 -22.78 -9.14 -5.43
C GLY B 301 -24.30 -8.98 -5.43
N ALA B 302 -24.79 -7.83 -4.94
CA ALA B 302 -26.22 -7.55 -4.88
C ALA B 302 -26.79 -7.39 -6.28
N ILE B 303 -26.05 -6.72 -7.17
CA ILE B 303 -26.47 -6.56 -8.55
C ILE B 303 -26.41 -7.92 -9.24
N GLY B 304 -25.32 -8.66 -9.02
CA GLY B 304 -25.08 -9.94 -9.64
C GLY B 304 -24.13 -9.82 -10.82
N MET B 305 -23.02 -10.57 -10.78
CA MET B 305 -21.93 -10.35 -11.72
C MET B 305 -22.30 -10.87 -13.12
N ALA B 306 -23.24 -11.81 -13.21
CA ALA B 306 -23.73 -12.25 -14.51
C ALA B 306 -24.49 -11.11 -15.19
N ALA B 307 -25.29 -10.36 -14.41
CA ALA B 307 -26.02 -9.22 -14.93
C ALA B 307 -25.04 -8.08 -15.30
N VAL B 308 -24.01 -7.86 -14.47
CA VAL B 308 -23.00 -6.86 -14.77
C VAL B 308 -22.35 -7.18 -16.13
N GLU B 309 -21.96 -8.44 -16.30
CA GLU B 309 -21.27 -8.87 -17.52
C GLU B 309 -22.18 -8.73 -18.74
N ALA B 310 -23.45 -9.10 -18.61
CA ALA B 310 -24.40 -9.02 -19.72
C ALA B 310 -24.57 -7.55 -20.13
N HIS B 311 -24.69 -6.66 -19.15
CA HIS B 311 -24.86 -5.24 -19.44
C HIS B 311 -23.61 -4.67 -20.12
N GLU B 312 -22.42 -5.01 -19.62
CA GLU B 312 -21.20 -4.51 -20.22
C GLU B 312 -21.04 -5.05 -21.64
N ARG B 313 -21.40 -6.31 -21.88
CA ARG B 313 -21.28 -6.91 -23.20
C ARG B 313 -22.20 -6.21 -24.22
N GLU B 314 -23.41 -5.82 -23.79
CA GLU B 314 -24.30 -5.00 -24.60
C GLU B 314 -23.64 -3.71 -25.05
N LEU B 315 -23.00 -2.99 -24.11
CA LEU B 315 -22.40 -1.70 -24.41
C LEU B 315 -21.21 -1.87 -25.36
N VAL B 316 -20.41 -2.92 -25.14
CA VAL B 316 -19.22 -3.18 -25.93
C VAL B 316 -19.63 -3.52 -27.37
N ALA B 317 -20.66 -4.35 -27.51
CA ALA B 317 -21.16 -4.76 -28.83
C ALA B 317 -21.63 -3.53 -29.60
N ALA B 318 -22.35 -2.63 -28.93
CA ALA B 318 -22.83 -1.39 -29.54
C ALA B 318 -21.68 -0.46 -29.92
N ALA B 319 -20.62 -0.40 -29.09
CA ALA B 319 -19.49 0.48 -29.37
C ALA B 319 -18.75 -0.01 -30.61
N ILE B 320 -18.54 -1.32 -30.69
CA ILE B 320 -17.85 -1.94 -31.81
C ILE B 320 -18.63 -1.69 -33.10
N GLU B 321 -19.96 -1.89 -33.05
CA GLU B 321 -20.84 -1.66 -34.19
C GLU B 321 -20.74 -0.20 -34.66
N GLY B 322 -20.96 0.73 -33.72
CA GLY B 322 -20.91 2.16 -33.99
C GLY B 322 -19.57 2.63 -34.55
N LEU B 323 -18.45 2.23 -33.90
CA LEU B 323 -17.12 2.65 -34.32
C LEU B 323 -16.74 2.00 -35.65
N SER B 324 -17.08 0.71 -35.80
CA SER B 324 -16.78 -0.03 -37.01
C SER B 324 -17.50 0.57 -38.21
N GLY B 325 -18.59 1.32 -37.94
CA GLY B 325 -19.37 1.96 -38.98
C GLY B 325 -18.77 3.27 -39.48
N ILE B 326 -17.72 3.76 -38.79
CA ILE B 326 -17.02 4.98 -39.19
C ILE B 326 -15.84 4.58 -40.08
N ASP B 327 -15.74 5.22 -41.25
CA ASP B 327 -14.63 4.97 -42.17
C ASP B 327 -13.32 5.35 -41.51
N GLY B 328 -12.32 4.45 -41.62
CA GLY B 328 -10.98 4.71 -41.13
C GLY B 328 -10.75 4.21 -39.69
N VAL B 329 -11.83 3.78 -39.01
CA VAL B 329 -11.70 3.36 -37.62
C VAL B 329 -11.44 1.85 -37.57
N ARG B 330 -10.36 1.46 -36.87
CA ARG B 330 -10.00 0.06 -36.70
C ARG B 330 -9.89 -0.26 -35.20
N ILE B 331 -10.43 -1.42 -34.81
CA ILE B 331 -10.41 -1.87 -33.43
C ILE B 331 -9.14 -2.68 -33.19
N LEU B 332 -8.45 -2.40 -32.07
CA LEU B 332 -7.38 -3.24 -31.59
C LEU B 332 -7.97 -4.31 -30.66
N GLY B 333 -8.04 -5.55 -31.16
CA GLY B 333 -8.79 -6.61 -30.51
C GLY B 333 -9.88 -7.14 -31.43
N PRO B 334 -10.69 -8.13 -31.02
CA PRO B 334 -11.72 -8.71 -31.90
C PRO B 334 -12.91 -7.79 -32.16
N THR B 335 -13.47 -7.88 -33.38
CA THR B 335 -14.77 -7.25 -33.66
C THR B 335 -15.88 -8.18 -33.16
N SER B 336 -15.56 -9.48 -33.09
CA SER B 336 -16.46 -10.51 -32.59
C SER B 336 -16.61 -10.41 -31.07
N MET B 337 -17.80 -10.76 -30.56
CA MET B 337 -18.07 -10.73 -29.13
C MET B 337 -17.77 -12.07 -28.47
N ARG B 338 -17.22 -13.02 -29.24
CA ARG B 338 -16.83 -14.32 -28.72
C ARG B 338 -15.65 -14.14 -27.75
N ASP B 339 -15.82 -14.62 -26.52
CA ASP B 339 -14.79 -14.55 -25.49
C ASP B 339 -14.18 -13.15 -25.45
N ARG B 340 -15.05 -12.14 -25.32
CA ARG B 340 -14.63 -10.75 -25.35
C ARG B 340 -15.54 -9.94 -24.42
N GLY B 341 -14.93 -8.91 -23.81
CA GLY B 341 -15.67 -7.88 -23.09
C GLY B 341 -15.05 -6.50 -23.27
N SER B 342 -15.18 -5.68 -22.23
CA SER B 342 -14.56 -4.37 -22.13
C SER B 342 -13.03 -4.55 -22.09
N PRO B 343 -12.21 -3.61 -22.60
CA PRO B 343 -12.63 -2.39 -23.29
C PRO B 343 -12.61 -2.46 -24.81
N VAL B 344 -12.94 -1.33 -25.45
CA VAL B 344 -12.78 -1.19 -26.89
C VAL B 344 -11.72 -0.12 -27.16
N ALA B 345 -10.56 -0.59 -27.64
CA ALA B 345 -9.47 0.29 -28.03
C ALA B 345 -9.42 0.36 -29.55
N PHE B 346 -9.16 1.57 -30.08
CA PHE B 346 -9.29 1.79 -31.51
C PHE B 346 -8.31 2.86 -31.98
N VAL B 347 -8.05 2.85 -33.30
CA VAL B 347 -7.29 3.88 -33.97
C VAL B 347 -8.18 4.51 -35.05
N VAL B 348 -7.94 5.81 -35.29
CA VAL B 348 -8.69 6.58 -36.28
C VAL B 348 -7.71 6.99 -37.37
N GLU B 349 -7.94 6.52 -38.60
CA GLU B 349 -7.04 6.77 -39.71
C GLU B 349 -6.90 8.29 -39.90
N GLY B 350 -5.66 8.77 -39.86
CA GLY B 350 -5.37 10.18 -40.10
C GLY B 350 -5.68 11.08 -38.91
N VAL B 351 -5.99 10.50 -37.75
CA VAL B 351 -6.19 11.29 -36.54
C VAL B 351 -5.45 10.62 -35.39
N HIS B 352 -4.51 11.35 -34.79
CA HIS B 352 -3.74 10.83 -33.68
C HIS B 352 -4.62 10.68 -32.44
N ALA B 353 -4.37 9.61 -31.67
CA ALA B 353 -5.15 9.29 -30.48
C ALA B 353 -5.30 10.49 -29.55
N HIS B 354 -4.23 11.29 -29.37
CA HIS B 354 -4.29 12.43 -28.46
C HIS B 354 -5.35 13.43 -28.91
N ASP B 355 -5.52 13.58 -30.23
CA ASP B 355 -6.48 14.49 -30.80
C ASP B 355 -7.89 13.90 -30.68
N VAL B 356 -8.04 12.60 -30.96
CA VAL B 356 -9.31 11.92 -30.75
C VAL B 356 -9.78 12.13 -29.32
N GLY B 357 -8.89 11.89 -28.34
CA GLY B 357 -9.22 12.05 -26.94
C GLY B 357 -9.61 13.49 -26.58
N GLN B 358 -8.94 14.48 -27.17
CA GLN B 358 -9.25 15.88 -26.91
C GLN B 358 -10.64 16.24 -27.43
N VAL B 359 -11.00 15.72 -28.61
CA VAL B 359 -12.31 16.01 -29.18
C VAL B 359 -13.41 15.35 -28.32
N LEU B 360 -13.21 14.09 -27.94
CA LEU B 360 -14.16 13.40 -27.05
C LEU B 360 -14.29 14.14 -25.72
N ASP B 361 -13.16 14.58 -25.15
CA ASP B 361 -13.17 15.28 -23.86
C ASP B 361 -13.96 16.58 -23.96
N ASP B 362 -13.87 17.27 -25.10
CA ASP B 362 -14.62 18.50 -25.33
C ASP B 362 -16.12 18.23 -25.22
N GLY B 363 -16.57 17.06 -25.67
CA GLY B 363 -17.96 16.64 -25.54
C GLY B 363 -18.30 16.03 -24.19
N GLY B 364 -17.34 16.00 -23.26
CA GLY B 364 -17.55 15.47 -21.91
C GLY B 364 -17.34 13.95 -21.82
N VAL B 365 -16.79 13.34 -22.87
CA VAL B 365 -16.56 11.89 -22.90
C VAL B 365 -15.11 11.62 -22.51
N ALA B 366 -14.92 10.91 -21.38
CA ALA B 366 -13.59 10.56 -20.88
C ALA B 366 -13.17 9.20 -21.38
N VAL B 367 -12.12 9.15 -22.21
CA VAL B 367 -11.46 7.91 -22.61
C VAL B 367 -9.97 8.06 -22.29
N ARG B 368 -9.25 6.94 -22.22
CA ARG B 368 -7.81 6.97 -22.05
C ARG B 368 -7.16 6.92 -23.44
N VAL B 369 -6.12 7.73 -23.63
CA VAL B 369 -5.32 7.65 -24.86
C VAL B 369 -3.87 7.37 -24.47
N GLY B 370 -3.20 6.52 -25.25
CA GLY B 370 -1.84 6.09 -24.95
C GLY B 370 -1.65 4.61 -25.26
N HIS B 371 -0.75 3.97 -24.51
CA HIS B 371 -0.48 2.56 -24.73
C HIS B 371 -1.12 1.67 -23.66
N HIS B 372 -1.80 2.32 -22.69
CA HIS B 372 -2.57 1.65 -21.64
C HIS B 372 -1.71 0.68 -20.83
N ALA B 374 0.55 -1.26 -21.93
CA ALA B 374 0.75 -2.47 -22.70
C ALA B 374 1.47 -2.10 -24.00
N LEU B 375 2.70 -1.61 -23.84
CA LEU B 375 3.47 -1.08 -24.95
C LEU B 375 3.86 -2.22 -25.91
N PRO B 376 4.32 -3.40 -25.42
CA PRO B 376 4.65 -4.50 -26.32
C PRO B 376 3.49 -4.89 -27.23
N LEU B 377 2.26 -4.86 -26.69
CA LEU B 377 1.06 -5.18 -27.46
C LEU B 377 0.88 -4.17 -28.60
N HIS B 378 0.98 -2.87 -28.28
CA HIS B 378 0.87 -1.84 -29.28
C HIS B 378 1.95 -1.98 -30.35
N ARG B 379 3.21 -2.25 -29.94
CA ARG B 379 4.32 -2.37 -30.87
C ARG B 379 4.09 -3.54 -31.83
N ARG B 380 3.56 -4.67 -31.31
CA ARG B 380 3.23 -5.85 -32.09
C ARG B 380 2.28 -5.52 -33.24
N PHE B 381 1.46 -4.48 -33.08
CA PHE B 381 0.51 -4.08 -34.12
C PHE B 381 0.97 -2.82 -34.85
N GLY B 382 2.21 -2.39 -34.61
CA GLY B 382 2.76 -1.21 -35.26
C GLY B 382 2.11 0.09 -34.80
N LEU B 383 1.59 0.13 -33.58
CA LEU B 383 0.89 1.30 -33.07
C LEU B 383 1.70 1.95 -31.94
N ALA B 384 1.58 3.28 -31.84
CA ALA B 384 2.17 4.02 -30.74
C ALA B 384 1.14 4.22 -29.64
N ALA B 385 -0.12 4.50 -30.04
CA ALA B 385 -1.16 4.86 -29.11
C ALA B 385 -2.52 4.47 -29.67
N THR B 386 -3.47 4.21 -28.77
CA THR B 386 -4.87 4.02 -29.15
C THR B 386 -5.74 4.86 -28.23
N ALA B 387 -6.98 5.09 -28.65
CA ALA B 387 -8.03 5.58 -27.78
C ALA B 387 -8.76 4.36 -27.23
N ARG B 388 -9.15 4.42 -25.96
CA ARG B 388 -9.73 3.25 -25.30
C ARG B 388 -10.96 3.68 -24.52
N ALA B 389 -12.13 3.14 -24.91
CA ALA B 389 -13.36 3.25 -24.14
C ALA B 389 -13.56 1.96 -23.35
N SER B 390 -13.61 2.11 -22.02
CA SER B 390 -13.92 1.01 -21.11
C SER B 390 -15.27 1.27 -20.45
N PHE B 391 -15.95 0.19 -20.11
CA PHE B 391 -17.35 0.25 -19.70
C PHE B 391 -17.49 -0.34 -18.32
N ALA B 392 -18.38 0.25 -17.52
CA ALA B 392 -18.71 -0.28 -16.22
C ALA B 392 -20.23 -0.39 -16.08
N VAL B 393 -20.67 -0.92 -14.94
CA VAL B 393 -22.07 -1.23 -14.70
C VAL B 393 -22.92 0.05 -14.78
N TYR B 394 -22.32 1.21 -14.52
CA TYR B 394 -23.05 2.47 -14.46
C TYR B 394 -23.11 3.19 -15.81
N ASN B 395 -22.55 2.59 -16.86
CA ASN B 395 -22.52 3.23 -18.18
C ASN B 395 -23.80 2.87 -18.94
N THR B 396 -24.11 3.66 -19.97
CA THR B 396 -25.39 3.59 -20.67
C THR B 396 -25.22 3.59 -22.19
N ALA B 397 -26.29 3.23 -22.89
CA ALA B 397 -26.30 3.21 -24.35
C ALA B 397 -26.07 4.63 -24.89
N ASP B 398 -26.61 5.63 -24.21
CA ASP B 398 -26.48 7.02 -24.65
C ASP B 398 -25.01 7.43 -24.65
N GLU B 399 -24.24 6.95 -23.66
CA GLU B 399 -22.84 7.31 -23.55
C GLU B 399 -22.06 6.68 -24.70
N VAL B 400 -22.45 5.48 -25.13
CA VAL B 400 -21.85 4.85 -26.30
C VAL B 400 -22.10 5.70 -27.55
N ASP B 401 -23.32 6.24 -27.67
CA ASP B 401 -23.69 7.05 -28.82
C ASP B 401 -22.83 8.32 -28.83
N ARG B 402 -22.58 8.90 -27.66
CA ARG B 402 -21.78 10.12 -27.56
C ARG B 402 -20.32 9.82 -27.92
N LEU B 403 -19.85 8.60 -27.64
CA LEU B 403 -18.52 8.14 -28.03
C LEU B 403 -18.40 8.11 -29.56
N VAL B 404 -19.38 7.46 -30.20
CA VAL B 404 -19.35 7.28 -31.65
C VAL B 404 -19.41 8.66 -32.32
N ALA B 405 -20.31 9.52 -31.84
CA ALA B 405 -20.46 10.88 -32.36
C ALA B 405 -19.17 11.69 -32.21
N GLY B 406 -18.53 11.58 -31.04
CA GLY B 406 -17.30 12.30 -30.78
C GLY B 406 -16.17 11.88 -31.72
N VAL B 407 -16.13 10.58 -32.06
CA VAL B 407 -15.13 10.05 -32.98
C VAL B 407 -15.38 10.56 -34.40
N ARG B 408 -16.65 10.63 -34.83
CA ARG B 408 -16.98 11.18 -36.14
C ARG B 408 -16.59 12.65 -36.19
N ARG B 409 -16.92 13.38 -35.13
CA ARG B 409 -16.57 14.79 -35.01
C ARG B 409 -15.06 14.99 -35.15
N SER B 410 -14.26 14.05 -34.62
CA SER B 410 -12.81 14.19 -34.68
C SER B 410 -12.32 14.06 -36.13
N ARG B 411 -12.91 13.14 -36.89
CA ARG B 411 -12.56 12.94 -38.28
C ARG B 411 -12.93 14.16 -39.11
N HIS B 412 -14.10 14.75 -38.82
CA HIS B 412 -14.58 15.93 -39.54
C HIS B 412 -13.71 17.14 -39.23
N PHE B 413 -13.43 17.36 -37.94
CA PHE B 413 -12.70 18.54 -37.49
C PHE B 413 -11.26 18.54 -38.00
N PHE B 414 -10.65 17.35 -38.12
CA PHE B 414 -9.27 17.22 -38.57
C PHE B 414 -9.24 16.93 -40.07
N GLY B 415 -9.87 15.81 -40.48
CA GLY B 415 -9.95 15.45 -41.89
C GLY B 415 -10.87 16.39 -42.66
N LEU C 3 -19.11 -3.32 38.30
CA LEU C 3 -20.41 -3.93 37.94
C LEU C 3 -20.20 -5.01 36.88
N ARG C 4 -19.72 -4.59 35.70
CA ARG C 4 -19.53 -5.49 34.57
C ARG C 4 -18.11 -6.05 34.56
N LEU C 5 -17.23 -5.51 35.40
CA LEU C 5 -15.86 -5.99 35.50
C LEU C 5 -15.83 -7.33 36.24
N GLU C 6 -16.84 -7.56 37.10
CA GLU C 6 -16.97 -8.80 37.84
C GLU C 6 -17.55 -9.88 36.94
N GLN C 7 -18.23 -9.48 35.85
CA GLN C 7 -18.85 -10.40 34.91
C GLN C 7 -17.81 -11.11 34.04
N ILE C 8 -16.64 -10.48 33.81
CA ILE C 8 -15.53 -11.15 33.14
C ILE C 8 -14.64 -11.79 34.19
N TYR C 9 -14.30 -11.05 35.25
CA TYR C 9 -13.45 -11.55 36.32
C TYR C 9 -14.33 -12.12 37.45
N GLN C 10 -14.87 -13.32 37.24
CA GLN C 10 -15.77 -13.94 38.21
C GLN C 10 -14.95 -14.46 39.40
N ASP C 11 -15.66 -14.80 40.48
CA ASP C 11 -15.01 -15.23 41.71
C ASP C 11 -14.12 -16.45 41.44
N VAL C 12 -14.62 -17.37 40.61
CA VAL C 12 -13.94 -18.62 40.34
C VAL C 12 -12.58 -18.35 39.69
N ILE C 13 -12.55 -17.40 38.75
CA ILE C 13 -11.33 -17.07 38.02
C ILE C 13 -10.31 -16.47 38.99
N LEU C 14 -10.74 -15.49 39.79
CA LEU C 14 -9.85 -14.83 40.74
C LEU C 14 -9.34 -15.83 41.78
N ASP C 15 -10.18 -16.80 42.15
CA ASP C 15 -9.81 -17.83 43.11
C ASP C 15 -8.70 -18.70 42.53
N HIS C 16 -8.87 -19.13 41.27
CA HIS C 16 -7.89 -19.98 40.61
C HIS C 16 -6.59 -19.23 40.31
N TYR C 17 -6.70 -17.92 40.08
CA TYR C 17 -5.53 -17.08 39.82
C TYR C 17 -4.67 -16.97 41.07
N LYS C 18 -5.29 -16.72 42.23
CA LYS C 18 -4.60 -16.61 43.49
C LYS C 18 -4.12 -17.98 43.97
N HIS C 19 -5.00 -18.99 43.86
CA HIS C 19 -4.71 -20.32 44.39
C HIS C 19 -4.71 -21.33 43.24
N PRO C 20 -3.69 -21.31 42.36
CA PRO C 20 -3.64 -22.22 41.21
C PRO C 20 -3.44 -23.69 41.61
N GLN C 21 -4.05 -24.58 40.82
CA GLN C 21 -4.01 -26.01 41.08
C GLN C 21 -3.12 -26.68 40.04
N HIS C 22 -2.27 -27.61 40.51
CA HIS C 22 -1.46 -28.48 39.66
C HIS C 22 -0.36 -27.70 38.95
N ARG C 23 0.02 -26.54 39.52
CA ARG C 23 1.09 -25.72 38.97
C ARG C 23 2.43 -26.33 39.37
N GLY C 24 3.45 -26.10 38.54
CA GLY C 24 4.78 -26.66 38.73
C GLY C 24 4.93 -27.94 37.92
N LEU C 25 5.98 -27.98 37.08
CA LEU C 25 6.24 -29.11 36.20
C LEU C 25 6.62 -30.33 37.04
N ARG C 26 6.10 -31.49 36.66
CA ARG C 26 6.27 -32.72 37.43
C ARG C 26 6.65 -33.88 36.50
N GLU C 27 7.15 -34.95 37.12
CA GLU C 27 7.44 -36.21 36.45
C GLU C 27 6.61 -37.31 37.13
N PRO C 28 6.23 -38.41 36.41
CA PRO C 28 6.55 -38.57 34.99
C PRO C 28 5.65 -37.77 34.06
N PHE C 29 6.06 -37.69 32.79
CA PHE C 29 5.24 -37.10 31.74
C PHE C 29 5.53 -37.86 30.44
N GLY C 30 4.55 -37.83 29.53
CA GLY C 30 4.68 -38.46 28.22
C GLY C 30 4.86 -37.46 27.10
N ALA C 31 4.58 -36.17 27.36
CA ALA C 31 4.76 -35.13 26.37
C ALA C 31 4.85 -33.76 27.07
N GLN C 32 5.44 -32.80 26.34
CA GLN C 32 5.62 -31.44 26.82
C GLN C 32 5.57 -30.49 25.62
N VAL C 33 4.91 -29.35 25.80
CA VAL C 33 4.76 -28.34 24.77
C VAL C 33 4.95 -26.96 25.37
N TYR C 34 5.14 -25.96 24.49
CA TYR C 34 5.30 -24.57 24.88
C TYR C 34 4.49 -23.69 23.92
N HIS C 35 3.50 -22.97 24.47
CA HIS C 35 2.65 -22.08 23.70
C HIS C 35 2.71 -20.68 24.30
N VAL C 36 2.41 -19.65 23.49
CA VAL C 36 2.57 -18.26 23.89
C VAL C 36 1.33 -17.44 23.50
N ASP C 42 1.25 -13.72 27.59
CA ASP C 42 0.82 -14.99 28.26
C ASP C 42 1.64 -16.13 27.63
N GLU C 43 2.33 -16.95 28.45
CA GLU C 43 3.02 -18.14 27.97
C GLU C 43 2.76 -19.33 28.91
N VAL C 44 2.97 -20.55 28.39
CA VAL C 44 2.81 -21.76 29.19
C VAL C 44 3.68 -22.91 28.66
N THR C 45 4.37 -23.58 29.60
CA THR C 45 4.97 -24.89 29.39
C THR C 45 4.09 -25.93 30.09
N LEU C 46 3.62 -26.95 29.35
CA LEU C 46 2.62 -27.88 29.87
C LEU C 46 2.96 -29.32 29.51
N ARG C 47 2.86 -30.20 30.52
CA ARG C 47 3.09 -31.63 30.40
C ARG C 47 1.80 -32.41 30.67
N VAL C 48 1.66 -33.54 29.97
CA VAL C 48 0.56 -34.48 30.17
C VAL C 48 1.13 -35.85 30.50
N ALA C 49 0.56 -36.52 31.52
CA ALA C 49 0.88 -37.91 31.81
C ALA C 49 -0.37 -38.78 31.63
N LEU C 50 -0.19 -39.95 31.00
CA LEU C 50 -1.24 -40.93 30.79
C LEU C 50 -1.03 -42.11 31.73
N SER C 51 -2.09 -42.92 31.93
CA SER C 51 -2.05 -44.12 32.75
C SER C 51 -1.28 -45.21 32.01
N GLU C 52 -0.92 -46.27 32.75
CA GLU C 52 -0.14 -47.39 32.21
C GLU C 52 -0.79 -47.91 30.91
N ASP C 53 -2.13 -47.97 30.88
CA ASP C 53 -2.84 -48.53 29.74
C ASP C 53 -3.12 -47.44 28.69
N GLY C 54 -2.87 -46.18 29.04
CA GLY C 54 -2.92 -45.08 28.10
C GLY C 54 -4.33 -44.56 27.83
N THR C 55 -5.30 -44.92 28.68
CA THR C 55 -6.71 -44.59 28.46
C THR C 55 -7.13 -43.33 29.21
N ARG C 56 -6.40 -42.96 30.27
CA ARG C 56 -6.79 -41.84 31.13
C ARG C 56 -5.64 -40.84 31.29
N VAL C 57 -6.01 -39.59 31.56
CA VAL C 57 -5.06 -38.54 31.93
C VAL C 57 -4.79 -38.64 33.43
N THR C 58 -3.53 -38.95 33.81
CA THR C 58 -3.19 -39.13 35.20
C THR C 58 -2.65 -37.84 35.82
N ASP C 59 -2.03 -36.99 35.00
CA ASP C 59 -1.49 -35.72 35.49
C ASP C 59 -1.41 -34.72 34.35
N VAL C 60 -1.63 -33.44 34.70
CA VAL C 60 -1.27 -32.31 33.86
C VAL C 60 -0.48 -31.32 34.74
N SER C 61 0.79 -31.10 34.37
CA SER C 61 1.64 -30.18 35.11
C SER C 61 2.10 -29.07 34.17
N TYR C 62 2.21 -27.84 34.71
CA TYR C 62 2.44 -26.66 33.90
C TYR C 62 3.21 -25.60 34.68
N ASP C 63 3.87 -24.71 33.93
CA ASP C 63 4.57 -23.56 34.46
C ASP C 63 4.58 -22.47 33.39
N GLY C 64 4.56 -21.20 33.82
CA GLY C 64 4.64 -20.08 32.88
C GLY C 64 4.16 -18.78 33.51
N GLN C 65 4.24 -17.70 32.72
CA GLN C 65 3.79 -16.38 33.15
C GLN C 65 2.62 -15.94 32.27
N GLY C 66 1.67 -15.23 32.86
CA GLY C 66 0.55 -14.69 32.12
C GLY C 66 -0.43 -13.94 33.00
N CYS C 67 -1.46 -13.39 32.37
CA CYS C 67 -2.49 -12.63 33.06
C CYS C 67 -3.38 -13.57 33.88
N SER C 68 -4.31 -12.96 34.61
CA SER C 68 -5.22 -13.65 35.50
C SER C 68 -6.07 -14.68 34.75
N ILE C 69 -6.56 -14.29 33.56
CA ILE C 69 -7.43 -15.15 32.77
C ILE C 69 -6.67 -16.34 32.20
N SER C 70 -5.42 -16.16 31.76
CA SER C 70 -4.66 -17.26 31.18
C SER C 70 -4.24 -18.25 32.26
N GLN C 71 -3.89 -17.76 33.46
CA GLN C 71 -3.39 -18.62 34.54
C GLN C 71 -4.56 -19.37 35.17
N ALA C 72 -5.70 -18.70 35.31
CA ALA C 72 -6.89 -19.28 35.92
C ALA C 72 -7.52 -20.32 35.00
N ALA C 73 -7.45 -20.10 33.68
CA ALA C 73 -7.99 -21.04 32.71
C ALA C 73 -7.21 -22.35 32.75
N THR C 74 -5.88 -22.26 32.89
CA THR C 74 -5.02 -23.43 32.92
C THR C 74 -5.25 -24.20 34.23
N SER C 75 -5.40 -23.47 35.33
CA SER C 75 -5.71 -24.05 36.63
C SER C 75 -6.99 -24.87 36.53
N VAL C 76 -8.05 -24.27 35.98
CA VAL C 76 -9.35 -24.91 35.83
C VAL C 76 -9.24 -26.12 34.89
N LEU C 77 -8.48 -25.97 33.80
CA LEU C 77 -8.25 -27.06 32.86
C LEU C 77 -7.79 -28.31 33.59
N THR C 78 -6.78 -28.17 34.48
CA THR C 78 -6.16 -29.31 35.13
C THR C 78 -7.21 -30.04 35.99
N GLU C 79 -8.09 -29.28 36.65
CA GLU C 79 -9.09 -29.86 37.54
C GLU C 79 -10.12 -30.67 36.74
N GLN C 80 -10.44 -30.23 35.52
CA GLN C 80 -11.54 -30.82 34.77
C GLN C 80 -11.10 -32.07 33.99
N VAL C 81 -9.80 -32.22 33.68
CA VAL C 81 -9.37 -33.27 32.76
C VAL C 81 -8.51 -34.32 33.46
N ILE C 82 -7.95 -34.04 34.65
CA ILE C 82 -7.15 -35.05 35.35
C ILE C 82 -8.09 -36.15 35.84
N GLY C 83 -7.76 -37.40 35.50
CA GLY C 83 -8.58 -38.57 35.83
C GLY C 83 -9.55 -38.96 34.71
N GLN C 84 -9.68 -38.12 33.67
CA GLN C 84 -10.64 -38.35 32.59
C GLN C 84 -10.04 -39.26 31.53
N ARG C 85 -10.92 -39.99 30.84
CA ARG C 85 -10.51 -40.75 29.66
C ARG C 85 -10.05 -39.78 28.58
N VAL C 86 -9.14 -40.26 27.72
CA VAL C 86 -8.51 -39.44 26.70
C VAL C 86 -9.58 -38.86 25.75
N PRO C 87 -10.53 -39.67 25.20
CA PRO C 87 -11.57 -39.13 24.32
C PRO C 87 -12.51 -38.13 24.99
N ARG C 88 -12.74 -38.31 26.30
CA ARG C 88 -13.63 -37.44 27.06
C ARG C 88 -12.92 -36.10 27.32
N ALA C 89 -11.63 -36.14 27.68
CA ALA C 89 -10.83 -34.94 27.90
C ALA C 89 -10.87 -34.05 26.66
N LEU C 90 -10.78 -34.66 25.46
CA LEU C 90 -10.81 -33.93 24.21
C LEU C 90 -12.21 -33.32 24.00
N ASN C 91 -13.26 -34.05 24.39
CA ASN C 91 -14.63 -33.55 24.31
C ASN C 91 -14.81 -32.32 25.19
N ILE C 92 -14.18 -32.33 26.38
CA ILE C 92 -14.29 -31.23 27.32
C ILE C 92 -13.63 -29.99 26.72
N VAL C 93 -12.49 -30.18 26.05
CA VAL C 93 -11.76 -29.08 25.43
C VAL C 93 -12.63 -28.43 24.34
N ASP C 94 -13.29 -29.26 23.53
CA ASP C 94 -14.09 -28.77 22.41
C ASP C 94 -15.30 -27.97 22.90
N ALA C 95 -15.86 -28.38 24.05
CA ALA C 95 -16.97 -27.67 24.68
C ALA C 95 -16.50 -26.32 25.21
N PHE C 96 -15.32 -26.29 25.85
CA PHE C 96 -14.76 -25.04 26.35
C PHE C 96 -14.51 -24.08 25.19
N THR C 97 -13.89 -24.59 24.13
CA THR C 97 -13.56 -23.80 22.95
C THR C 97 -14.82 -23.20 22.33
N GLU C 98 -15.89 -23.99 22.23
CA GLU C 98 -17.13 -23.54 21.64
C GLU C 98 -17.75 -22.42 22.47
N MET C 99 -17.67 -22.54 23.80
CA MET C 99 -18.27 -21.56 24.69
C MET C 99 -17.52 -20.23 24.61
N VAL C 100 -16.19 -20.24 24.76
CA VAL C 100 -15.42 -19.00 24.86
C VAL C 100 -15.34 -18.32 23.49
N SER C 101 -15.55 -19.06 22.40
CA SER C 101 -15.47 -18.51 21.06
C SER C 101 -16.84 -18.12 20.52
N SER C 102 -17.87 -18.05 21.37
CA SER C 102 -19.25 -17.91 20.93
C SER C 102 -19.73 -16.46 20.93
N ARG C 103 -18.92 -15.55 21.49
CA ARG C 103 -19.31 -14.15 21.67
C ARG C 103 -20.52 -14.06 22.61
N GLY C 104 -20.64 -15.00 23.54
CA GLY C 104 -21.63 -14.95 24.60
C GLY C 104 -22.96 -15.61 24.24
N THR C 105 -23.04 -16.28 23.08
CA THR C 105 -24.29 -16.89 22.64
C THR C 105 -24.40 -18.34 23.15
N VAL C 106 -23.29 -18.90 23.66
CA VAL C 106 -23.29 -20.24 24.21
C VAL C 106 -22.82 -20.15 25.66
N PRO C 107 -23.71 -20.38 26.65
CA PRO C 107 -23.34 -20.24 28.07
C PRO C 107 -22.50 -21.38 28.64
N GLY C 108 -22.50 -22.53 27.95
CA GLY C 108 -21.72 -23.70 28.34
C GLY C 108 -22.47 -24.57 29.35
N ASP C 109 -22.16 -25.88 29.35
CA ASP C 109 -22.82 -26.87 30.17
C ASP C 109 -21.91 -27.23 31.35
N GLU C 110 -22.39 -26.95 32.58
CA GLU C 110 -21.59 -27.12 33.79
C GLU C 110 -21.32 -28.60 34.08
N ASP C 111 -22.14 -29.52 33.52
CA ASP C 111 -21.89 -30.94 33.64
C ASP C 111 -20.62 -31.32 32.89
N VAL C 112 -20.32 -30.60 31.81
CA VAL C 112 -19.16 -30.89 30.97
C VAL C 112 -17.94 -30.10 31.46
N LEU C 113 -18.13 -28.81 31.79
CA LEU C 113 -17.04 -27.87 31.97
C LEU C 113 -16.73 -27.60 33.44
N GLY C 114 -17.70 -27.84 34.34
CA GLY C 114 -17.53 -27.53 35.74
C GLY C 114 -17.29 -26.03 35.96
N ASP C 115 -16.16 -25.69 36.60
CA ASP C 115 -15.78 -24.31 36.83
C ASP C 115 -15.49 -23.57 35.51
N GLY C 116 -15.21 -24.35 34.45
CA GLY C 116 -15.03 -23.83 33.10
C GLY C 116 -16.09 -22.83 32.66
N VAL C 117 -17.34 -22.97 33.14
CA VAL C 117 -18.44 -22.11 32.72
C VAL C 117 -18.24 -20.69 33.25
N ALA C 118 -17.35 -20.51 34.23
CA ALA C 118 -17.05 -19.20 34.77
C ALA C 118 -16.29 -18.33 33.76
N PHE C 119 -15.85 -18.91 32.63
CA PHE C 119 -15.16 -18.17 31.58
C PHE C 119 -16.12 -17.79 30.45
N ALA C 120 -17.43 -17.88 30.71
CA ALA C 120 -18.43 -17.57 29.70
C ALA C 120 -18.45 -16.08 29.41
N GLY C 121 -18.19 -15.26 30.45
CA GLY C 121 -18.21 -13.81 30.34
C GLY C 121 -17.01 -13.26 29.57
N VAL C 122 -15.96 -14.09 29.41
CA VAL C 122 -14.78 -13.74 28.63
C VAL C 122 -15.15 -13.70 27.14
N ALA C 123 -16.20 -14.43 26.77
CA ALA C 123 -16.59 -14.63 25.38
C ALA C 123 -16.89 -13.31 24.66
N LYS C 124 -17.44 -12.33 25.38
CA LYS C 124 -17.80 -11.04 24.81
C LYS C 124 -16.59 -10.13 24.63
N TYR C 125 -15.41 -10.55 25.12
CA TYR C 125 -14.18 -9.78 24.96
C TYR C 125 -13.22 -10.57 24.06
N PRO C 126 -13.42 -10.55 22.72
CA PRO C 126 -12.64 -11.40 21.81
C PRO C 126 -11.12 -11.36 22.01
N ALA C 127 -10.58 -10.23 22.49
CA ALA C 127 -9.15 -10.13 22.72
C ALA C 127 -8.70 -11.07 23.84
N ARG C 128 -9.55 -11.30 24.84
CA ARG C 128 -9.17 -12.09 26.01
C ARG C 128 -9.50 -13.57 25.83
N VAL C 129 -10.10 -13.95 24.69
CA VAL C 129 -10.40 -15.33 24.39
C VAL C 129 -9.11 -16.13 24.24
N LYS C 130 -8.09 -15.51 23.62
CA LYS C 130 -6.80 -16.15 23.40
C LYS C 130 -6.07 -16.31 24.73
N CYS C 131 -6.32 -15.41 25.68
CA CYS C 131 -5.82 -15.56 27.04
C CYS C 131 -6.39 -16.85 27.64
N ALA C 132 -7.71 -17.03 27.50
CA ALA C 132 -8.42 -18.17 28.08
C ALA C 132 -8.00 -19.47 27.39
N LEU C 133 -7.79 -19.44 26.06
CA LEU C 133 -7.61 -20.65 25.28
C LEU C 133 -6.17 -21.16 25.35
N LEU C 134 -5.23 -20.37 25.88
CA LEU C 134 -3.82 -20.70 25.78
C LEU C 134 -3.51 -22.07 26.38
N GLY C 135 -3.90 -22.27 27.65
CA GLY C 135 -3.62 -23.51 28.36
C GLY C 135 -4.39 -24.70 27.78
N TRP C 136 -5.62 -24.43 27.31
CA TRP C 136 -6.50 -25.46 26.80
C TRP C 136 -5.99 -26.00 25.46
N MET C 137 -5.52 -25.10 24.58
CA MET C 137 -4.94 -25.49 23.31
C MET C 137 -3.58 -26.16 23.55
N ALA C 138 -2.86 -25.72 24.60
CA ALA C 138 -1.61 -26.35 24.99
C ALA C 138 -1.85 -27.79 25.42
N PHE C 139 -2.91 -28.02 26.19
CA PHE C 139 -3.25 -29.35 26.67
C PHE C 139 -3.59 -30.28 25.51
N LYS C 140 -4.42 -29.80 24.57
CA LYS C 140 -4.83 -30.61 23.43
C LYS C 140 -3.60 -31.09 22.66
N ASP C 141 -2.63 -30.18 22.48
CA ASP C 141 -1.39 -30.51 21.77
C ASP C 141 -0.63 -31.58 22.55
N ALA C 142 -0.42 -31.36 23.85
CA ALA C 142 0.37 -32.27 24.67
C ALA C 142 -0.36 -33.62 24.82
N LEU C 143 -1.70 -33.60 24.76
CA LEU C 143 -2.50 -34.81 24.84
C LEU C 143 -2.36 -35.64 23.56
N ALA C 144 -2.38 -34.97 22.40
CA ALA C 144 -2.20 -35.65 21.12
C ALA C 144 -0.80 -36.26 21.03
N GLN C 145 0.19 -35.55 21.56
CA GLN C 145 1.58 -36.01 21.57
C GLN C 145 1.77 -37.18 22.53
N ALA C 146 1.16 -37.09 23.72
CA ALA C 146 1.29 -38.12 24.73
C ALA C 146 0.63 -39.42 24.24
N SER C 147 -0.46 -39.29 23.48
CA SER C 147 -1.20 -40.42 22.94
C SER C 147 -0.39 -41.12 21.84
N GLU C 148 0.28 -40.33 20.98
CA GLU C 148 1.09 -40.89 19.91
C GLU C 148 2.34 -41.54 20.49
N ALA C 149 2.92 -40.92 21.53
CA ALA C 149 4.10 -41.43 22.19
C ALA C 149 3.83 -42.79 22.82
N PHE C 150 2.58 -43.03 23.24
CA PHE C 150 2.19 -44.29 23.87
C PHE C 150 2.39 -45.45 22.89
N LEU D 5 -12.74 24.56 -28.46
CA LEU D 5 -11.97 23.50 -29.18
C LEU D 5 -11.06 24.14 -30.23
N GLU D 6 -11.54 25.20 -30.89
CA GLU D 6 -10.71 25.99 -31.79
C GLU D 6 -9.82 26.94 -30.99
N GLN D 7 -10.14 27.15 -29.71
CA GLN D 7 -9.29 27.95 -28.82
C GLN D 7 -7.98 27.23 -28.54
N ILE D 8 -8.01 25.88 -28.50
CA ILE D 8 -6.79 25.09 -28.37
C ILE D 8 -6.24 24.80 -29.76
N TYR D 9 -7.12 24.41 -30.70
CA TYR D 9 -6.69 24.08 -32.06
C TYR D 9 -6.84 25.30 -32.97
N GLN D 10 -5.93 26.27 -32.80
CA GLN D 10 -5.92 27.48 -33.61
C GLN D 10 -5.67 27.09 -35.07
N ASP D 11 -6.04 27.99 -35.99
CA ASP D 11 -5.79 27.77 -37.41
C ASP D 11 -4.29 27.65 -37.65
N VAL D 12 -3.51 28.38 -36.84
CA VAL D 12 -2.05 28.39 -36.94
C VAL D 12 -1.51 26.98 -36.71
N ILE D 13 -1.99 26.32 -35.65
CA ILE D 13 -1.57 24.97 -35.29
C ILE D 13 -1.94 24.00 -36.41
N LEU D 14 -3.18 24.08 -36.89
CA LEU D 14 -3.67 23.15 -37.91
C LEU D 14 -2.91 23.34 -39.23
N ASP D 15 -2.56 24.60 -39.52
CA ASP D 15 -1.81 24.95 -40.72
C ASP D 15 -0.43 24.26 -40.67
N HIS D 16 0.30 24.49 -39.57
CA HIS D 16 1.64 23.93 -39.39
C HIS D 16 1.60 22.41 -39.30
N TYR D 17 0.48 21.86 -38.81
CA TYR D 17 0.29 20.42 -38.72
C TYR D 17 0.19 19.82 -40.12
N LYS D 18 -0.65 20.41 -40.98
CA LYS D 18 -0.86 19.90 -42.32
C LYS D 18 0.34 20.24 -43.21
N HIS D 19 0.90 21.44 -43.03
CA HIS D 19 1.95 21.95 -43.89
C HIS D 19 3.22 22.23 -43.09
N PRO D 20 3.91 21.18 -42.59
CA PRO D 20 5.06 21.36 -41.71
C PRO D 20 6.30 21.89 -42.43
N GLN D 21 7.02 22.80 -41.75
CA GLN D 21 8.20 23.45 -42.30
C GLN D 21 9.45 22.76 -41.76
N HIS D 22 10.46 22.59 -42.63
CA HIS D 22 11.79 22.14 -42.25
C HIS D 22 11.77 20.72 -41.70
N ARG D 23 10.77 19.92 -42.14
CA ARG D 23 10.66 18.52 -41.74
C ARG D 23 11.56 17.67 -42.63
N GLY D 24 12.09 16.58 -42.07
CA GLY D 24 13.05 15.73 -42.74
C GLY D 24 14.46 15.99 -42.23
N LEU D 25 15.14 14.93 -41.78
CA LEU D 25 16.51 15.03 -41.28
C LEU D 25 17.42 15.43 -42.44
N ARG D 26 18.28 16.43 -42.20
CA ARG D 26 19.15 16.98 -43.22
C ARG D 26 20.58 17.11 -42.69
N GLU D 27 21.53 17.25 -43.62
CA GLU D 27 22.93 17.47 -43.30
C GLU D 27 23.37 18.79 -43.93
N PRO D 28 24.36 19.51 -43.35
CA PRO D 28 25.08 19.06 -42.16
C PRO D 28 24.33 19.31 -40.85
N PHE D 29 24.87 18.74 -39.75
CA PHE D 29 24.37 18.99 -38.41
C PHE D 29 25.51 18.83 -37.41
N GLY D 30 25.32 19.42 -36.22
CA GLY D 30 26.31 19.39 -35.15
C GLY D 30 25.89 18.52 -33.97
N ALA D 31 24.59 18.22 -33.87
CA ALA D 31 24.09 17.28 -32.86
C ALA D 31 22.71 16.77 -33.26
N GLN D 32 22.42 15.54 -32.83
CA GLN D 32 21.12 14.91 -33.02
C GLN D 32 20.65 14.38 -31.66
N VAL D 33 19.34 14.47 -31.42
CA VAL D 33 18.74 13.97 -30.18
C VAL D 33 17.44 13.25 -30.52
N TYR D 34 16.91 12.54 -29.52
CA TYR D 34 15.67 11.79 -29.63
C TYR D 34 14.91 11.87 -28.31
N HIS D 35 13.70 12.45 -28.36
CA HIS D 35 12.85 12.66 -27.18
C HIS D 35 11.47 12.09 -27.44
N VAL D 36 10.70 11.83 -26.37
CA VAL D 36 9.44 11.09 -26.47
C VAL D 36 8.36 11.74 -25.60
N ASP D 42 4.01 10.54 -28.78
CA ASP D 42 4.72 11.58 -29.56
C ASP D 42 6.23 11.41 -29.39
N GLU D 43 6.95 11.47 -30.51
CA GLU D 43 8.40 11.34 -30.52
C GLU D 43 8.99 12.21 -31.62
N VAL D 44 10.26 12.58 -31.46
CA VAL D 44 10.95 13.40 -32.45
C VAL D 44 12.44 13.09 -32.40
N THR D 45 13.03 12.93 -33.59
CA THR D 45 14.47 13.00 -33.78
C THR D 45 14.79 14.36 -34.40
N LEU D 46 15.69 15.11 -33.76
CA LEU D 46 15.89 16.52 -34.09
C LEU D 46 17.39 16.83 -34.13
N ARG D 47 17.79 17.52 -35.20
CA ARG D 47 19.17 17.93 -35.41
C ARG D 47 19.27 19.46 -35.43
N VAL D 48 20.43 19.98 -34.98
CA VAL D 48 20.73 21.41 -35.02
C VAL D 48 22.05 21.61 -35.77
N ALA D 49 22.08 22.59 -36.68
CA ALA D 49 23.31 23.03 -37.34
C ALA D 49 23.62 24.47 -36.95
N LEU D 50 24.90 24.74 -36.66
CA LEU D 50 25.36 26.07 -36.27
C LEU D 50 26.20 26.65 -37.41
N SER D 51 26.27 27.99 -37.45
CA SER D 51 27.10 28.73 -38.39
C SER D 51 28.58 28.37 -38.21
N GLU D 52 29.41 28.76 -39.18
CA GLU D 52 30.84 28.49 -39.13
C GLU D 52 31.47 29.06 -37.86
N ASP D 53 30.96 30.20 -37.37
CA ASP D 53 31.52 30.82 -36.16
C ASP D 53 30.77 30.35 -34.91
N GLY D 54 29.74 29.51 -35.10
CA GLY D 54 29.04 28.87 -33.99
C GLY D 54 28.08 29.81 -33.25
N THR D 55 27.86 31.02 -33.81
CA THR D 55 27.09 32.04 -33.11
C THR D 55 25.59 31.93 -33.42
N ARG D 56 25.23 31.30 -34.54
CA ARG D 56 23.85 31.27 -35.00
C ARG D 56 23.40 29.85 -35.31
N VAL D 57 22.08 29.65 -35.22
CA VAL D 57 21.43 28.44 -35.69
C VAL D 57 21.17 28.60 -37.20
N THR D 58 21.80 27.75 -38.02
CA THR D 58 21.63 27.80 -39.46
C THR D 58 20.55 26.81 -39.91
N ASP D 59 20.37 25.70 -39.19
CA ASP D 59 19.35 24.73 -39.56
C ASP D 59 18.86 23.97 -38.33
N VAL D 60 17.55 23.68 -38.34
CA VAL D 60 16.93 22.70 -37.47
C VAL D 60 16.15 21.73 -38.35
N SER D 61 16.56 20.45 -38.33
CA SER D 61 15.88 19.39 -39.05
C SER D 61 15.34 18.37 -38.05
N TYR D 62 14.17 17.80 -38.36
CA TYR D 62 13.52 16.88 -37.43
C TYR D 62 12.72 15.82 -38.18
N ASP D 63 12.32 14.79 -37.44
CA ASP D 63 11.50 13.70 -37.97
C ASP D 63 10.85 13.00 -36.78
N GLY D 64 9.60 12.56 -36.95
CA GLY D 64 8.94 11.77 -35.92
C GLY D 64 7.42 11.71 -36.11
N GLN D 65 6.78 10.87 -35.30
CA GLN D 65 5.33 10.74 -35.27
C GLN D 65 4.80 11.38 -33.98
N GLY D 66 3.67 12.07 -34.10
CA GLY D 66 2.98 12.58 -32.94
C GLY D 66 1.67 13.27 -33.33
N CYS D 67 0.96 13.77 -32.31
CA CYS D 67 -0.32 14.43 -32.51
C CYS D 67 -0.13 15.79 -33.17
N SER D 68 -1.25 16.46 -33.47
CA SER D 68 -1.25 17.74 -34.14
C SER D 68 -0.44 18.78 -33.36
N ILE D 69 -0.62 18.81 -32.04
CA ILE D 69 0.02 19.82 -31.20
C ILE D 69 1.54 19.61 -31.17
N SER D 70 2.01 18.36 -31.08
CA SER D 70 3.44 18.10 -31.03
C SER D 70 4.11 18.40 -32.38
N GLN D 71 3.43 18.06 -33.48
CA GLN D 71 3.98 18.27 -34.81
C GLN D 71 4.02 19.76 -35.14
N ALA D 72 2.91 20.46 -34.85
CA ALA D 72 2.76 21.88 -35.14
C ALA D 72 3.76 22.69 -34.34
N ALA D 73 3.97 22.34 -33.07
CA ALA D 73 4.87 23.07 -32.19
C ALA D 73 6.31 22.99 -32.71
N THR D 74 6.71 21.83 -33.24
CA THR D 74 8.06 21.65 -33.74
C THR D 74 8.25 22.43 -35.05
N SER D 75 7.20 22.45 -35.90
CA SER D 75 7.22 23.25 -37.12
C SER D 75 7.40 24.73 -36.80
N VAL D 76 6.61 25.23 -35.83
CA VAL D 76 6.65 26.61 -35.41
C VAL D 76 8.00 26.94 -34.76
N LEU D 77 8.58 25.97 -34.04
CA LEU D 77 9.91 26.15 -33.46
C LEU D 77 10.91 26.49 -34.55
N THR D 78 10.93 25.69 -35.63
CA THR D 78 11.96 25.82 -36.66
C THR D 78 11.91 27.21 -37.28
N GLU D 79 10.71 27.76 -37.44
CA GLU D 79 10.53 29.10 -38.00
C GLU D 79 11.11 30.16 -37.08
N GLN D 80 11.00 29.96 -35.75
CA GLN D 80 11.34 31.00 -34.80
C GLN D 80 12.83 31.04 -34.48
N VAL D 81 13.54 29.91 -34.62
CA VAL D 81 14.89 29.81 -34.09
C VAL D 81 15.94 29.73 -35.22
N ILE D 82 15.55 29.30 -36.42
CA ILE D 82 16.50 29.23 -37.52
C ILE D 82 16.89 30.66 -37.92
N GLY D 83 18.21 30.92 -37.93
CA GLY D 83 18.76 32.23 -38.24
C GLY D 83 19.07 33.05 -36.98
N GLN D 84 18.68 32.54 -35.81
CA GLN D 84 18.82 33.28 -34.56
C GLN D 84 20.19 33.00 -33.96
N ARG D 85 20.68 33.97 -33.17
CA ARG D 85 21.85 33.77 -32.33
C ARG D 85 21.50 32.72 -31.27
N VAL D 86 22.52 31.98 -30.83
CA VAL D 86 22.34 30.85 -29.92
C VAL D 86 21.70 31.30 -28.62
N PRO D 87 22.17 32.37 -27.93
CA PRO D 87 21.55 32.84 -26.68
C PRO D 87 20.12 33.36 -26.85
N ARG D 88 19.83 33.94 -28.02
CA ARG D 88 18.50 34.44 -28.35
C ARG D 88 17.54 33.27 -28.54
N ALA D 89 17.96 32.24 -29.29
CA ALA D 89 17.16 31.03 -29.51
C ALA D 89 16.79 30.41 -28.17
N LEU D 90 17.75 30.38 -27.23
CA LEU D 90 17.54 29.85 -25.89
C LEU D 90 16.54 30.71 -25.12
N ASN D 91 16.59 32.04 -25.29
CA ASN D 91 15.65 32.96 -24.66
C ASN D 91 14.23 32.72 -25.18
N ILE D 92 14.09 32.49 -26.49
CA ILE D 92 12.79 32.24 -27.10
C ILE D 92 12.19 30.95 -26.53
N VAL D 93 13.03 29.93 -26.35
CA VAL D 93 12.59 28.65 -25.81
C VAL D 93 12.01 28.84 -24.41
N ASP D 94 12.69 29.65 -23.58
CA ASP D 94 12.26 29.90 -22.20
C ASP D 94 10.93 30.64 -22.17
N ALA D 95 10.73 31.56 -23.12
CA ALA D 95 9.49 32.34 -23.21
C ALA D 95 8.33 31.43 -23.61
N PHE D 96 8.56 30.52 -24.56
CA PHE D 96 7.53 29.57 -24.96
C PHE D 96 7.15 28.69 -23.78
N THR D 97 8.18 28.20 -23.06
CA THR D 97 7.99 27.32 -21.91
C THR D 97 7.13 28.01 -20.86
N GLU D 98 7.46 29.26 -20.52
CA GLU D 98 6.76 30.01 -19.49
C GLU D 98 5.28 30.15 -19.86
N MET D 99 5.00 30.38 -21.14
CA MET D 99 3.65 30.66 -21.61
C MET D 99 2.78 29.40 -21.53
N VAL D 100 3.27 28.28 -22.07
CA VAL D 100 2.47 27.05 -22.14
C VAL D 100 2.34 26.43 -20.75
N SER D 101 3.29 26.71 -19.85
CA SER D 101 3.28 26.15 -18.50
C SER D 101 2.56 27.06 -17.51
N SER D 102 1.83 28.07 -18.00
CA SER D 102 1.28 29.14 -17.18
C SER D 102 -0.14 28.84 -16.70
N ARG D 103 -0.84 27.93 -17.39
CA ARG D 103 -2.25 27.65 -17.13
C ARG D 103 -3.12 28.81 -17.62
N GLY D 104 -2.62 29.58 -18.59
CA GLY D 104 -3.39 30.63 -19.24
C GLY D 104 -3.26 31.99 -18.56
N THR D 105 -2.27 32.14 -17.67
CA THR D 105 -2.03 33.40 -16.97
C THR D 105 -0.89 34.18 -17.61
N VAL D 106 -0.27 33.61 -18.65
CA VAL D 106 0.70 34.32 -19.47
C VAL D 106 0.28 34.16 -20.92
N PRO D 107 -0.15 35.25 -21.62
CA PRO D 107 -0.55 35.15 -23.02
C PRO D 107 0.63 34.94 -23.99
N GLY D 108 1.83 35.40 -23.58
CA GLY D 108 3.02 35.29 -24.40
C GLY D 108 3.18 36.50 -25.31
N ASP D 109 4.45 36.80 -25.66
CA ASP D 109 4.81 38.00 -26.39
C ASP D 109 5.03 37.63 -27.86
N GLU D 110 4.16 38.15 -28.76
CA GLU D 110 4.22 37.82 -30.17
C GLU D 110 5.51 38.33 -30.82
N ASP D 111 6.15 39.33 -30.20
CA ASP D 111 7.44 39.84 -30.67
C ASP D 111 8.52 38.77 -30.49
N VAL D 112 8.46 38.04 -29.38
CA VAL D 112 9.45 37.02 -29.06
C VAL D 112 9.08 35.70 -29.76
N LEU D 113 7.80 35.30 -29.68
CA LEU D 113 7.39 33.94 -29.98
C LEU D 113 6.87 33.80 -31.41
N GLY D 114 6.36 34.88 -32.00
CA GLY D 114 5.75 34.82 -33.32
C GLY D 114 4.50 33.95 -33.31
N ASP D 115 4.46 32.94 -34.20
CA ASP D 115 3.33 32.03 -34.29
C ASP D 115 3.21 31.16 -33.03
N GLY D 116 4.27 31.10 -32.23
CA GLY D 116 4.28 30.38 -30.96
C GLY D 116 3.15 30.79 -30.02
N VAL D 117 2.68 32.04 -30.11
CA VAL D 117 1.61 32.53 -29.23
C VAL D 117 0.30 31.79 -29.51
N ALA D 118 0.21 31.11 -30.66
CA ALA D 118 -0.97 30.33 -31.00
C ALA D 118 -1.16 29.13 -30.07
N PHE D 119 -0.11 28.77 -29.32
CA PHE D 119 -0.16 27.65 -28.40
C PHE D 119 -0.55 28.12 -27.00
N ALA D 120 -0.91 29.39 -26.86
CA ALA D 120 -1.33 29.94 -25.57
C ALA D 120 -2.54 29.17 -25.02
N GLY D 121 -3.40 28.68 -25.92
CA GLY D 121 -4.64 28.03 -25.56
C GLY D 121 -4.46 26.61 -25.03
N VAL D 122 -3.29 26.02 -25.34
CA VAL D 122 -2.90 24.69 -24.88
C VAL D 122 -2.64 24.71 -23.38
N ALA D 123 -2.29 25.87 -22.82
CA ALA D 123 -1.82 25.99 -21.46
C ALA D 123 -2.91 25.60 -20.44
N LYS D 124 -4.19 25.76 -20.82
CA LYS D 124 -5.32 25.39 -19.98
C LYS D 124 -5.49 23.87 -19.92
N TYR D 125 -4.83 23.13 -20.81
CA TYR D 125 -4.95 21.68 -20.87
C TYR D 125 -3.61 21.05 -20.48
N PRO D 126 -3.31 20.92 -19.17
CA PRO D 126 -1.98 20.50 -18.73
C PRO D 126 -1.49 19.19 -19.33
N ALA D 127 -2.41 18.30 -19.73
CA ALA D 127 -2.05 17.06 -20.38
C ALA D 127 -1.37 17.31 -21.72
N ARG D 128 -1.77 18.38 -22.42
CA ARG D 128 -1.28 18.62 -23.78
C ARG D 128 -0.06 19.55 -23.78
N VAL D 129 0.32 20.07 -22.60
CA VAL D 129 1.50 20.92 -22.47
C VAL D 129 2.73 20.13 -22.91
N LYS D 130 2.78 18.83 -22.59
CA LYS D 130 3.93 18.00 -22.88
C LYS D 130 3.99 17.71 -24.37
N CYS D 131 2.83 17.66 -25.03
CA CYS D 131 2.77 17.57 -26.48
C CYS D 131 3.46 18.78 -27.11
N ALA D 132 3.10 19.97 -26.63
CA ALA D 132 3.61 21.24 -27.16
C ALA D 132 5.13 21.35 -26.95
N LEU D 133 5.61 20.91 -25.78
CA LEU D 133 6.99 21.15 -25.36
C LEU D 133 7.98 20.17 -25.98
N LEU D 134 7.50 19.06 -26.55
CA LEU D 134 8.37 17.98 -27.00
C LEU D 134 9.49 18.48 -27.91
N GLY D 135 9.11 19.16 -29.01
CA GLY D 135 10.07 19.66 -29.97
C GLY D 135 10.97 20.74 -29.39
N TRP D 136 10.43 21.57 -28.50
CA TRP D 136 11.14 22.72 -27.95
C TRP D 136 12.23 22.24 -27.00
N MET D 137 11.92 21.25 -26.16
CA MET D 137 12.87 20.69 -25.21
C MET D 137 13.93 19.88 -25.97
N ALA D 138 13.51 19.19 -27.04
CA ALA D 138 14.43 18.48 -27.90
C ALA D 138 15.43 19.46 -28.54
N PHE D 139 14.94 20.63 -28.96
CA PHE D 139 15.80 21.64 -29.57
C PHE D 139 16.81 22.18 -28.56
N LYS D 140 16.33 22.48 -27.35
CA LYS D 140 17.15 23.03 -26.28
C LYS D 140 18.31 22.10 -25.97
N ASP D 141 18.01 20.80 -25.91
CA ASP D 141 18.99 19.75 -25.67
C ASP D 141 20.01 19.73 -26.81
N ALA D 142 19.51 19.67 -28.06
CA ALA D 142 20.35 19.53 -29.25
C ALA D 142 21.22 20.77 -29.47
N LEU D 143 20.72 21.95 -29.05
CA LEU D 143 21.45 23.20 -29.17
C LEU D 143 22.64 23.21 -28.22
N ALA D 144 22.42 22.78 -26.97
CA ALA D 144 23.48 22.71 -25.96
C ALA D 144 24.58 21.75 -26.42
N GLN D 145 24.18 20.63 -27.04
CA GLN D 145 25.12 19.63 -27.53
C GLN D 145 25.90 20.16 -28.73
N ALA D 146 25.22 20.91 -29.62
CA ALA D 146 25.85 21.43 -30.82
C ALA D 146 26.88 22.50 -30.48
N SER D 147 26.62 23.26 -29.40
CA SER D 147 27.50 24.34 -28.94
C SER D 147 28.76 23.77 -28.28
N GLU D 148 28.57 22.75 -27.42
CA GLU D 148 29.69 22.06 -26.78
C GLU D 148 30.57 21.41 -27.84
N ALA D 149 29.94 20.84 -28.88
CA ALA D 149 30.66 20.17 -29.96
C ALA D 149 31.51 21.16 -30.75
N PHE D 150 30.99 22.38 -30.95
CA PHE D 150 31.62 23.38 -31.78
C PHE D 150 33.07 23.62 -31.31
#